data_6TL8
#
_entry.id   6TL8
#
_cell.length_a   31.450
_cell.length_b   132.160
_cell.length_c   134.180
_cell.angle_alpha   90.000
_cell.angle_beta   90.080
_cell.angle_gamma   90.000
#
_symmetry.space_group_name_H-M   'P 1 21 1'
#
loop_
_entity.id
_entity.type
_entity.pdbx_description
1 polymer 'Myeloid cell surface antigen CD33,Leucine-rich repeat and fibronectin type-III domain-containing protein 4'
2 non-polymer 2-acetamido-2-deoxy-beta-D-glucopyranose
3 water water
#
_entity_poly.entity_id   1
_entity_poly.type   'polypeptide(L)'
_entity_poly.pdbx_seq_one_letter_code
;MPLLLLLPLLWAGALAMDKLCPLPCVCQNLSESLSTLCAHRGLLFVPPNVDRRTVELRLADNFIQALGPPDFRNMTGLVD
LTLSRNAITRIGARSFGDLESLRSLHLDGNRLVELGSSSLRGPVNLQHLILSGNQLGRIAPGAFDDFLDSLEDLDVSYNN
LRQVPWAGIGSMPALHTLNLDHNLIDALPPGVFAQLSQLSRLDLTSNRLATLAPDPLFSRGRDAEASPSPLVLSFSGNPL
HCNCELLWLRRLARPDDLETCASPPTLAGRYFWAVPEGEFSCEPPLIAGTRGSLEVLFQ
;
_entity_poly.pdbx_strand_id   A,B,C,D
#
# COMPACT_ATOMS: atom_id res chain seq x y z
N LEU A 20 -21.70 -50.59 -11.09
CA LEU A 20 -22.05 -49.33 -10.43
C LEU A 20 -20.85 -48.76 -9.66
N CYS A 21 -20.18 -49.59 -8.83
CA CYS A 21 -19.02 -49.14 -8.05
C CYS A 21 -17.86 -50.09 -8.27
N PRO A 22 -16.67 -49.59 -8.65
CA PRO A 22 -15.53 -50.51 -8.86
C PRO A 22 -15.08 -51.12 -7.54
N LEU A 23 -14.62 -52.39 -7.56
CA LEU A 23 -14.20 -53.13 -6.37
C LEU A 23 -13.35 -52.31 -5.36
N PRO A 24 -12.25 -51.61 -5.74
CA PRO A 24 -11.50 -50.84 -4.73
C PRO A 24 -12.13 -49.50 -4.36
N CYS A 25 -13.06 -48.99 -5.17
CA CYS A 25 -13.67 -47.69 -4.94
C CYS A 25 -14.90 -47.74 -4.03
N VAL A 26 -15.17 -46.63 -3.36
CA VAL A 26 -16.33 -46.51 -2.48
C VAL A 26 -17.26 -45.44 -3.05
N CYS A 27 -18.56 -45.74 -3.16
CA CYS A 27 -19.51 -44.79 -3.73
C CYS A 27 -20.49 -44.23 -2.70
N GLN A 28 -20.54 -42.90 -2.59
CA GLN A 28 -21.45 -42.22 -1.67
C GLN A 28 -22.60 -41.55 -2.44
N ASN A 29 -23.81 -42.13 -2.36
CA ASN A 29 -24.95 -41.58 -3.10
C ASN A 29 -25.70 -40.50 -2.34
N LEU A 30 -25.36 -39.23 -2.63
CA LEU A 30 -26.06 -38.05 -2.11
C LEU A 30 -27.39 -37.93 -2.88
N SER A 31 -28.29 -36.97 -2.51
CA SER A 31 -29.59 -36.79 -3.18
C SER A 31 -29.43 -36.63 -4.69
N GLU A 32 -29.57 -37.76 -5.41
CA GLU A 32 -29.37 -37.90 -6.84
C GLU A 32 -28.02 -37.29 -7.29
N SER A 33 -26.93 -37.72 -6.64
CA SER A 33 -25.58 -37.25 -6.90
C SER A 33 -24.58 -38.34 -6.51
N LEU A 34 -23.77 -38.80 -7.47
CA LEU A 34 -22.82 -39.88 -7.23
C LEU A 34 -21.41 -39.38 -6.94
N SER A 35 -20.74 -39.95 -5.95
CA SER A 35 -19.35 -39.63 -5.68
C SER A 35 -18.52 -40.91 -5.54
N THR A 36 -17.66 -41.18 -6.53
CA THR A 36 -16.82 -42.38 -6.50
C THR A 36 -15.43 -42.01 -5.96
N LEU A 37 -15.09 -42.50 -4.76
CA LEU A 37 -13.79 -42.20 -4.15
C LEU A 37 -12.80 -43.35 -4.26
N CYS A 38 -11.75 -43.15 -5.08
CA CYS A 38 -10.69 -44.12 -5.31
C CYS A 38 -9.33 -43.57 -4.89
N ALA A 39 -9.27 -42.63 -3.93
CA ALA A 39 -8.01 -42.04 -3.51
C ALA A 39 -7.17 -42.98 -2.67
N HIS A 40 -5.84 -42.99 -2.96
CA HIS A 40 -4.79 -43.81 -2.33
C HIS A 40 -5.16 -45.29 -2.29
N ARG A 41 -5.55 -45.84 -3.45
CA ARG A 41 -5.97 -47.24 -3.51
C ARG A 41 -5.04 -48.14 -4.39
N GLY A 42 -3.90 -47.59 -4.80
CA GLY A 42 -2.88 -48.29 -5.58
C GLY A 42 -3.26 -48.62 -7.00
N LEU A 43 -4.12 -47.82 -7.62
CA LEU A 43 -4.58 -48.05 -8.98
C LEU A 43 -3.48 -47.80 -9.99
N LEU A 44 -3.37 -48.69 -10.97
CA LEU A 44 -2.39 -48.55 -12.06
C LEU A 44 -2.98 -47.80 -13.26
N PHE A 45 -4.33 -47.71 -13.36
CA PHE A 45 -5.06 -47.04 -14.43
C PHE A 45 -6.51 -46.77 -13.99
N VAL A 46 -7.17 -45.79 -14.63
CA VAL A 46 -8.56 -45.43 -14.30
C VAL A 46 -9.48 -46.63 -14.51
N PRO A 47 -10.20 -47.06 -13.46
CA PRO A 47 -11.08 -48.23 -13.60
C PRO A 47 -12.22 -48.00 -14.59
N PRO A 48 -12.47 -48.98 -15.47
CA PRO A 48 -13.53 -48.80 -16.47
C PRO A 48 -14.95 -49.11 -15.99
N ASN A 49 -15.10 -49.62 -14.76
CA ASN A 49 -16.41 -49.96 -14.21
C ASN A 49 -17.02 -48.81 -13.38
N VAL A 50 -16.58 -47.58 -13.61
CA VAL A 50 -17.11 -46.41 -12.91
C VAL A 50 -18.44 -46.01 -13.56
N ASP A 51 -19.46 -45.70 -12.74
CA ASP A 51 -20.77 -45.31 -13.25
C ASP A 51 -20.66 -44.00 -14.02
N ARG A 52 -21.32 -43.91 -15.18
CA ARG A 52 -21.27 -42.69 -15.99
C ARG A 52 -22.11 -41.53 -15.40
N ARG A 53 -22.98 -41.84 -14.43
CA ARG A 53 -23.79 -40.86 -13.71
C ARG A 53 -23.02 -40.18 -12.58
N THR A 54 -21.74 -40.55 -12.33
CA THR A 54 -20.94 -39.94 -11.26
C THR A 54 -20.71 -38.45 -11.49
N VAL A 55 -20.72 -37.70 -10.39
CA VAL A 55 -20.54 -36.26 -10.37
C VAL A 55 -19.14 -35.91 -9.82
N GLU A 56 -18.69 -36.63 -8.80
CA GLU A 56 -17.38 -36.40 -8.20
C GLU A 56 -16.51 -37.64 -8.35
N LEU A 57 -15.49 -37.57 -9.19
CA LEU A 57 -14.57 -38.68 -9.38
C LEU A 57 -13.23 -38.35 -8.75
N ARG A 58 -12.91 -38.98 -7.61
CA ARG A 58 -11.64 -38.72 -6.93
C ARG A 58 -10.67 -39.86 -7.19
N LEU A 59 -9.58 -39.59 -7.92
CA LEU A 59 -8.57 -40.59 -8.25
C LEU A 59 -7.17 -40.14 -7.82
N ALA A 60 -7.06 -39.31 -6.79
CA ALA A 60 -5.77 -38.80 -6.30
C ALA A 60 -4.95 -39.87 -5.55
N ASP A 61 -3.63 -39.66 -5.41
CA ASP A 61 -2.72 -40.55 -4.66
C ASP A 61 -2.60 -41.99 -5.18
N ASN A 62 -2.93 -42.22 -6.44
CA ASN A 62 -2.83 -43.52 -7.07
C ASN A 62 -1.52 -43.60 -7.88
N PHE A 63 -1.42 -44.52 -8.85
CA PHE A 63 -0.24 -44.67 -9.69
C PHE A 63 -0.62 -44.83 -11.16
N ILE A 64 -1.70 -44.13 -11.59
CA ILE A 64 -2.14 -44.16 -12.98
C ILE A 64 -1.16 -43.32 -13.79
N GLN A 65 -0.57 -43.93 -14.84
CA GLN A 65 0.44 -43.25 -15.66
C GLN A 65 -0.08 -42.69 -16.96
N ALA A 66 -1.20 -43.22 -17.47
CA ALA A 66 -1.73 -42.76 -18.75
C ALA A 66 -3.22 -42.48 -18.78
N LEU A 67 -3.60 -41.36 -19.40
CA LEU A 67 -5.01 -41.01 -19.55
C LEU A 67 -5.37 -41.04 -21.03
N GLY A 68 -6.54 -41.61 -21.34
CA GLY A 68 -7.04 -41.69 -22.71
C GLY A 68 -8.52 -41.45 -22.81
N PRO A 69 -9.03 -41.42 -24.06
CA PRO A 69 -10.47 -41.21 -24.27
C PRO A 69 -11.44 -42.15 -23.54
N PRO A 70 -11.22 -43.48 -23.46
CA PRO A 70 -12.20 -44.35 -22.78
C PRO A 70 -12.25 -44.21 -21.26
N ASP A 71 -11.29 -43.51 -20.65
CA ASP A 71 -11.26 -43.37 -19.20
C ASP A 71 -12.44 -42.57 -18.71
N PHE A 72 -12.75 -41.46 -19.38
CA PHE A 72 -13.82 -40.57 -18.96
C PHE A 72 -14.86 -40.37 -20.06
N ARG A 73 -15.11 -41.43 -20.86
CA ARG A 73 -16.09 -41.35 -21.94
C ARG A 73 -17.52 -41.47 -21.41
N ASN A 74 -18.47 -40.74 -22.02
CA ASN A 74 -19.90 -40.72 -21.69
C ASN A 74 -20.23 -40.18 -20.29
N MET A 75 -19.28 -39.50 -19.65
CA MET A 75 -19.53 -38.92 -18.33
C MET A 75 -19.98 -37.48 -18.52
N THR A 76 -21.29 -37.29 -18.75
CA THR A 76 -21.85 -35.97 -18.98
C THR A 76 -21.86 -35.12 -17.70
N GLY A 77 -22.45 -35.64 -16.62
CA GLY A 77 -22.58 -34.90 -15.37
C GLY A 77 -21.40 -34.87 -14.42
N LEU A 78 -20.19 -35.18 -14.89
CA LEU A 78 -19.00 -35.15 -14.02
C LEU A 78 -18.59 -33.71 -13.78
N VAL A 79 -18.72 -33.25 -12.53
CA VAL A 79 -18.43 -31.89 -12.07
C VAL A 79 -17.01 -31.73 -11.49
N ASP A 80 -16.60 -32.61 -10.59
CA ASP A 80 -15.30 -32.51 -9.93
C ASP A 80 -14.42 -33.72 -10.20
N LEU A 81 -13.34 -33.54 -10.95
CA LEU A 81 -12.40 -34.63 -11.25
C LEU A 81 -11.01 -34.29 -10.70
N THR A 82 -10.57 -35.04 -9.68
CA THR A 82 -9.24 -34.83 -9.10
C THR A 82 -8.31 -36.01 -9.40
N LEU A 83 -7.18 -35.73 -10.03
CA LEU A 83 -6.18 -36.73 -10.39
C LEU A 83 -4.78 -36.37 -9.82
N SER A 84 -4.75 -35.68 -8.68
CA SER A 84 -3.54 -35.19 -8.03
C SER A 84 -2.57 -36.28 -7.53
N ARG A 85 -1.27 -35.95 -7.47
CA ARG A 85 -0.17 -36.79 -6.98
C ARG A 85 -0.11 -38.20 -7.57
N ASN A 86 -0.38 -38.30 -8.88
CA ASN A 86 -0.33 -39.57 -9.61
C ASN A 86 1.00 -39.64 -10.40
N ALA A 87 1.12 -40.54 -11.39
CA ALA A 87 2.33 -40.64 -12.20
C ALA A 87 2.03 -40.44 -13.69
N ILE A 88 1.02 -39.62 -14.01
CA ILE A 88 0.61 -39.36 -15.38
C ILE A 88 1.70 -38.63 -16.14
N THR A 89 2.26 -39.29 -17.14
CA THR A 89 3.27 -38.72 -18.00
C THR A 89 2.65 -38.30 -19.35
N ARG A 90 1.60 -39.01 -19.79
CA ARG A 90 0.93 -38.75 -21.05
C ARG A 90 -0.59 -38.64 -20.96
N ILE A 91 -1.16 -37.62 -21.60
CA ILE A 91 -2.59 -37.40 -21.70
C ILE A 91 -2.94 -37.44 -23.19
N GLY A 92 -3.79 -38.39 -23.57
CA GLY A 92 -4.21 -38.58 -24.95
C GLY A 92 -5.06 -37.47 -25.51
N ALA A 93 -5.26 -37.51 -26.84
CA ALA A 93 -6.06 -36.50 -27.52
C ALA A 93 -7.53 -36.68 -27.17
N ARG A 94 -8.10 -35.68 -26.52
CA ARG A 94 -9.49 -35.63 -26.10
C ARG A 94 -9.85 -36.68 -25.03
N SER A 95 -9.04 -36.71 -23.98
CA SER A 95 -9.26 -37.59 -22.84
C SER A 95 -10.50 -37.12 -22.04
N PHE A 96 -10.69 -35.80 -21.93
CA PHE A 96 -11.83 -35.19 -21.23
C PHE A 96 -12.90 -34.68 -22.22
N GLY A 97 -12.97 -35.29 -23.41
CA GLY A 97 -13.88 -34.92 -24.49
C GLY A 97 -15.37 -34.89 -24.18
N ASP A 98 -15.85 -35.84 -23.35
CA ASP A 98 -17.27 -35.88 -23.00
C ASP A 98 -17.58 -35.22 -21.63
N LEU A 99 -16.58 -34.63 -20.95
CA LEU A 99 -16.77 -33.99 -19.65
C LEU A 99 -17.30 -32.54 -19.78
N GLU A 100 -18.47 -32.38 -20.41
CA GLU A 100 -19.11 -31.09 -20.62
C GLU A 100 -19.42 -30.31 -19.33
N SER A 101 -19.83 -31.00 -18.24
CA SER A 101 -20.16 -30.34 -16.97
C SER A 101 -18.97 -30.12 -16.04
N LEU A 102 -17.76 -30.55 -16.44
CA LEU A 102 -16.57 -30.42 -15.61
C LEU A 102 -16.24 -29.00 -15.24
N ARG A 103 -16.39 -28.67 -13.95
CA ARG A 103 -16.10 -27.34 -13.43
C ARG A 103 -14.74 -27.24 -12.73
N SER A 104 -14.15 -28.37 -12.34
CA SER A 104 -12.84 -28.38 -11.67
C SER A 104 -12.03 -29.58 -12.12
N LEU A 105 -10.76 -29.35 -12.49
CA LEU A 105 -9.89 -30.43 -12.96
C LEU A 105 -8.55 -30.30 -12.27
N HIS A 106 -8.20 -31.30 -11.45
CA HIS A 106 -6.93 -31.27 -10.73
C HIS A 106 -5.96 -32.25 -11.36
N LEU A 107 -4.82 -31.76 -11.83
CA LEU A 107 -3.79 -32.60 -12.43
C LEU A 107 -2.41 -32.29 -11.82
N ASP A 108 -2.37 -31.92 -10.54
CA ASP A 108 -1.13 -31.57 -9.87
C ASP A 108 -0.29 -32.78 -9.45
N GLY A 109 1.00 -32.56 -9.21
CA GLY A 109 1.93 -33.58 -8.78
C GLY A 109 2.07 -34.74 -9.74
N ASN A 110 2.18 -34.46 -11.03
CA ASN A 110 2.28 -35.48 -12.06
C ASN A 110 3.61 -35.34 -12.86
N ARG A 111 3.78 -36.10 -13.95
CA ARG A 111 4.99 -36.06 -14.76
C ARG A 111 4.75 -35.45 -16.15
N LEU A 112 3.76 -34.54 -16.28
CA LEU A 112 3.47 -33.94 -17.59
C LEU A 112 4.53 -32.95 -18.01
N VAL A 113 5.01 -33.08 -19.24
CA VAL A 113 6.07 -32.22 -19.78
C VAL A 113 5.52 -31.28 -20.87
N GLU A 114 4.64 -31.78 -21.74
CA GLU A 114 4.05 -30.94 -22.78
C GLU A 114 2.53 -31.08 -22.84
N LEU A 115 1.80 -29.96 -22.83
CA LEU A 115 0.36 -29.99 -22.96
C LEU A 115 0.00 -29.55 -24.38
N GLY A 116 -0.69 -30.41 -25.11
CA GLY A 116 -1.09 -30.14 -26.50
C GLY A 116 -2.40 -29.40 -26.61
N SER A 117 -2.82 -29.11 -27.85
CA SER A 117 -4.08 -28.42 -28.11
C SER A 117 -5.29 -29.33 -27.89
N SER A 118 -5.14 -30.62 -28.22
CA SER A 118 -6.19 -31.63 -28.09
C SER A 118 -6.33 -32.21 -26.69
N SER A 119 -5.27 -32.09 -25.86
CA SER A 119 -5.26 -32.65 -24.51
C SER A 119 -6.35 -32.12 -23.59
N LEU A 120 -6.52 -30.79 -23.54
CA LEU A 120 -7.52 -30.17 -22.68
C LEU A 120 -8.85 -29.88 -23.38
N ARG A 121 -9.12 -30.51 -24.54
CA ARG A 121 -10.37 -30.31 -25.25
C ARG A 121 -11.47 -31.13 -24.59
N GLY A 122 -12.63 -30.52 -24.37
CA GLY A 122 -13.74 -31.19 -23.73
C GLY A 122 -14.48 -30.42 -22.65
N PRO A 123 -13.83 -30.03 -21.53
CA PRO A 123 -14.57 -29.32 -20.47
C PRO A 123 -14.85 -27.86 -20.83
N VAL A 124 -15.97 -27.64 -21.52
CA VAL A 124 -16.41 -26.35 -22.06
C VAL A 124 -16.81 -25.33 -20.97
N ASN A 125 -17.15 -25.77 -19.74
CA ASN A 125 -17.50 -24.86 -18.66
C ASN A 125 -16.54 -25.00 -17.46
N LEU A 126 -15.26 -25.30 -17.75
CA LEU A 126 -14.24 -25.46 -16.71
C LEU A 126 -13.93 -24.16 -16.00
N GLN A 127 -13.95 -24.16 -14.66
CA GLN A 127 -13.69 -22.96 -13.87
C GLN A 127 -12.40 -23.03 -13.06
N HIS A 128 -11.86 -24.22 -12.82
CA HIS A 128 -10.62 -24.37 -12.05
C HIS A 128 -9.71 -25.33 -12.75
N LEU A 129 -8.46 -24.93 -12.97
CA LEU A 129 -7.48 -25.79 -13.65
C LEU A 129 -6.15 -25.81 -12.90
N ILE A 130 -5.88 -26.90 -12.18
CA ILE A 130 -4.66 -27.03 -11.39
C ILE A 130 -3.67 -27.90 -12.13
N LEU A 131 -2.58 -27.32 -12.59
CA LEU A 131 -1.54 -28.06 -13.32
C LEU A 131 -0.16 -27.86 -12.67
N SER A 132 -0.12 -27.66 -11.36
CA SER A 132 1.13 -27.40 -10.65
C SER A 132 1.93 -28.65 -10.28
N GLY A 133 3.21 -28.48 -9.97
CA GLY A 133 4.04 -29.60 -9.55
C GLY A 133 4.44 -30.60 -10.61
N ASN A 134 4.25 -30.25 -11.89
CA ASN A 134 4.65 -31.14 -12.99
C ASN A 134 6.01 -30.66 -13.57
N GLN A 135 6.38 -31.10 -14.78
CA GLN A 135 7.60 -30.65 -15.44
C GLN A 135 7.25 -30.01 -16.79
N LEU A 136 6.16 -29.21 -16.81
CA LEU A 136 5.67 -28.57 -18.01
C LEU A 136 6.65 -27.54 -18.54
N GLY A 137 7.15 -27.79 -19.74
CA GLY A 137 8.07 -26.90 -20.43
C GLY A 137 7.40 -26.14 -21.57
N ARG A 138 6.36 -26.74 -22.17
CA ARG A 138 5.65 -26.11 -23.27
C ARG A 138 4.15 -26.41 -23.18
N ILE A 139 3.32 -25.38 -23.37
CA ILE A 139 1.86 -25.49 -23.38
C ILE A 139 1.36 -24.85 -24.67
N ALA A 140 0.54 -25.57 -25.44
CA ALA A 140 -0.01 -25.08 -26.71
C ALA A 140 -0.82 -23.79 -26.55
N PRO A 141 -0.79 -22.89 -27.56
CA PRO A 141 -1.53 -21.62 -27.44
C PRO A 141 -3.06 -21.77 -27.43
N GLY A 142 -3.55 -22.84 -28.04
CA GLY A 142 -4.97 -23.14 -28.10
C GLY A 142 -5.40 -24.28 -27.18
N ALA A 143 -4.67 -24.52 -26.09
CA ALA A 143 -5.00 -25.59 -25.16
C ALA A 143 -6.22 -25.21 -24.31
N PHE A 144 -6.29 -23.95 -23.90
CA PHE A 144 -7.41 -23.48 -23.09
C PHE A 144 -8.55 -22.88 -23.91
N ASP A 145 -8.53 -23.03 -25.26
CA ASP A 145 -9.53 -22.42 -26.14
C ASP A 145 -10.98 -22.89 -25.94
N ASP A 146 -11.20 -24.12 -25.46
CA ASP A 146 -12.57 -24.58 -25.22
C ASP A 146 -13.11 -24.10 -23.86
N PHE A 147 -12.23 -23.81 -22.90
CA PHE A 147 -12.66 -23.34 -21.58
C PHE A 147 -12.15 -21.91 -21.33
N LEU A 148 -12.33 -21.02 -22.32
CA LEU A 148 -11.83 -19.65 -22.20
C LEU A 148 -12.64 -18.77 -21.25
N ASP A 149 -13.93 -18.48 -21.55
CA ASP A 149 -14.73 -17.62 -20.67
C ASP A 149 -14.80 -18.10 -19.21
N SER A 150 -15.20 -19.36 -18.99
CA SER A 150 -15.44 -19.97 -17.69
C SER A 150 -14.26 -19.95 -16.71
N LEU A 151 -13.05 -20.34 -17.16
CA LEU A 151 -11.84 -20.43 -16.34
C LEU A 151 -11.62 -19.26 -15.35
N GLU A 152 -11.89 -19.52 -14.07
CA GLU A 152 -11.77 -18.59 -12.96
C GLU A 152 -10.45 -18.73 -12.17
N ASP A 153 -9.83 -19.91 -12.18
CA ASP A 153 -8.55 -20.11 -11.50
C ASP A 153 -7.60 -20.94 -12.35
N LEU A 154 -6.42 -20.40 -12.64
CA LEU A 154 -5.41 -21.10 -13.43
C LEU A 154 -4.11 -21.20 -12.66
N ASP A 155 -3.69 -22.43 -12.34
CA ASP A 155 -2.49 -22.67 -11.54
C ASP A 155 -1.45 -23.45 -12.34
N VAL A 156 -0.32 -22.82 -12.69
CA VAL A 156 0.78 -23.51 -13.37
C VAL A 156 2.08 -23.40 -12.57
N SER A 157 1.98 -23.48 -11.24
CA SER A 157 3.12 -23.37 -10.32
C SER A 157 4.08 -24.55 -10.42
N TYR A 158 5.30 -24.40 -9.90
CA TYR A 158 6.27 -25.50 -9.81
C TYR A 158 6.43 -26.36 -11.07
N ASN A 159 6.66 -25.71 -12.20
CA ASN A 159 6.90 -26.37 -13.48
C ASN A 159 8.24 -25.86 -14.07
N ASN A 160 8.56 -26.16 -15.34
CA ASN A 160 9.77 -25.65 -15.98
C ASN A 160 9.41 -24.65 -17.10
N LEU A 161 8.27 -23.95 -16.97
CA LEU A 161 7.78 -23.01 -17.98
C LEU A 161 8.64 -21.77 -18.20
N ARG A 162 9.14 -21.61 -19.43
CA ARG A 162 9.89 -20.42 -19.84
C ARG A 162 8.88 -19.42 -20.42
N GLN A 163 7.96 -19.90 -21.27
CA GLN A 163 6.93 -19.06 -21.84
C GLN A 163 5.56 -19.70 -21.63
N VAL A 164 4.66 -18.92 -21.03
CA VAL A 164 3.26 -19.22 -20.72
C VAL A 164 2.43 -18.79 -21.95
N PRO A 165 1.32 -19.49 -22.29
CA PRO A 165 0.52 -19.04 -23.45
C PRO A 165 -0.31 -17.80 -23.10
N TRP A 166 0.31 -16.63 -23.26
CA TRP A 166 -0.25 -15.32 -22.92
C TRP A 166 -1.51 -14.96 -23.73
N ALA A 167 -1.61 -15.41 -25.00
CA ALA A 167 -2.78 -15.14 -25.85
C ALA A 167 -4.05 -15.78 -25.27
N GLY A 168 -3.90 -16.97 -24.69
CA GLY A 168 -4.99 -17.69 -24.05
C GLY A 168 -5.28 -17.13 -22.67
N ILE A 169 -4.23 -16.95 -21.84
CA ILE A 169 -4.37 -16.42 -20.48
C ILE A 169 -4.93 -14.97 -20.46
N GLY A 170 -4.72 -14.22 -21.54
CA GLY A 170 -5.24 -12.86 -21.66
C GLY A 170 -6.65 -12.78 -22.22
N SER A 171 -7.20 -13.92 -22.70
CA SER A 171 -8.55 -13.99 -23.24
C SER A 171 -9.54 -14.65 -22.26
N MET A 172 -9.26 -14.60 -20.95
CA MET A 172 -10.14 -15.16 -19.93
C MET A 172 -10.67 -14.02 -19.08
N PRO A 173 -11.85 -13.48 -19.41
CA PRO A 173 -12.37 -12.34 -18.67
C PRO A 173 -12.78 -12.60 -17.21
N ALA A 174 -12.94 -13.88 -16.85
CA ALA A 174 -13.35 -14.23 -15.49
C ALA A 174 -12.21 -14.70 -14.59
N LEU A 175 -10.97 -14.76 -15.09
CA LEU A 175 -9.83 -15.24 -14.31
C LEU A 175 -9.53 -14.34 -13.11
N HIS A 176 -9.62 -14.87 -11.88
CA HIS A 176 -9.28 -14.07 -10.70
C HIS A 176 -7.94 -14.50 -10.08
N THR A 177 -7.45 -15.72 -10.38
CA THR A 177 -6.17 -16.16 -9.84
C THR A 177 -5.29 -16.82 -10.91
N LEU A 178 -4.04 -16.35 -11.03
CA LEU A 178 -3.09 -16.93 -11.96
C LEU A 178 -1.77 -17.18 -11.25
N ASN A 179 -1.47 -18.44 -10.97
CA ASN A 179 -0.25 -18.80 -10.28
C ASN A 179 0.83 -19.23 -11.24
N LEU A 180 1.75 -18.31 -11.58
CA LEU A 180 2.88 -18.60 -12.47
C LEU A 180 4.20 -18.71 -11.68
N ASP A 181 4.14 -18.91 -10.35
CA ASP A 181 5.32 -18.96 -9.53
C ASP A 181 6.10 -20.26 -9.66
N HIS A 182 7.39 -20.24 -9.29
CA HIS A 182 8.29 -21.38 -9.31
C HIS A 182 8.40 -21.98 -10.68
N ASN A 183 8.73 -21.13 -11.66
CA ASN A 183 8.91 -21.52 -13.05
C ASN A 183 10.26 -20.93 -13.58
N LEU A 184 10.41 -20.77 -14.89
CA LEU A 184 11.62 -20.20 -15.49
C LEU A 184 11.25 -19.06 -16.45
N ILE A 185 10.18 -18.28 -16.14
CA ILE A 185 9.72 -17.20 -16.99
C ILE A 185 10.67 -16.01 -16.96
N ASP A 186 11.28 -15.68 -18.10
CA ASP A 186 12.27 -14.60 -18.18
C ASP A 186 11.72 -13.27 -18.69
N ALA A 187 10.55 -13.29 -19.36
CA ALA A 187 9.96 -12.08 -19.89
C ALA A 187 8.47 -11.95 -19.62
N LEU A 188 8.00 -10.77 -19.24
CA LEU A 188 6.58 -10.52 -19.01
C LEU A 188 6.14 -9.41 -19.96
N PRO A 189 5.47 -9.76 -21.08
CA PRO A 189 5.07 -8.74 -22.06
C PRO A 189 4.08 -7.69 -21.53
N PRO A 190 3.92 -6.54 -22.23
CA PRO A 190 3.01 -5.49 -21.70
C PRO A 190 1.53 -5.68 -22.00
N GLY A 191 1.21 -6.50 -23.00
CA GLY A 191 -0.18 -6.74 -23.37
C GLY A 191 -0.81 -7.94 -22.67
N VAL A 192 -0.08 -8.60 -21.77
CA VAL A 192 -0.59 -9.77 -21.07
C VAL A 192 -1.46 -9.39 -19.87
N PHE A 193 -1.16 -8.25 -19.20
CA PHE A 193 -1.96 -7.81 -18.07
C PHE A 193 -3.26 -7.10 -18.50
N ALA A 194 -3.32 -6.60 -19.74
CA ALA A 194 -4.51 -5.94 -20.27
C ALA A 194 -5.69 -6.92 -20.38
N GLN A 195 -6.91 -6.41 -20.15
CA GLN A 195 -8.18 -7.14 -20.22
C GLN A 195 -8.34 -8.25 -19.16
N LEU A 196 -7.90 -8.01 -17.93
CA LEU A 196 -8.05 -8.96 -16.83
C LEU A 196 -8.64 -8.21 -15.64
N SER A 197 -9.94 -7.86 -15.73
CA SER A 197 -10.63 -7.06 -14.74
C SER A 197 -10.83 -7.73 -13.39
N GLN A 198 -11.10 -9.04 -13.40
CA GLN A 198 -11.33 -9.76 -12.15
C GLN A 198 -10.06 -10.32 -11.49
N LEU A 199 -8.89 -10.11 -12.11
CA LEU A 199 -7.61 -10.59 -11.59
C LEU A 199 -7.30 -10.01 -10.20
N SER A 200 -7.36 -10.85 -9.17
CA SER A 200 -7.06 -10.46 -7.81
C SER A 200 -5.70 -10.97 -7.32
N ARG A 201 -5.20 -12.07 -7.92
CA ARG A 201 -3.91 -12.62 -7.51
C ARG A 201 -3.05 -13.03 -8.68
N LEU A 202 -1.80 -12.57 -8.73
CA LEU A 202 -0.87 -12.95 -9.77
C LEU A 202 0.47 -13.25 -9.11
N ASP A 203 0.78 -14.55 -8.95
CA ASP A 203 2.02 -14.95 -8.31
C ASP A 203 3.12 -15.16 -9.35
N LEU A 204 4.23 -14.41 -9.20
CA LEU A 204 5.39 -14.51 -10.09
C LEU A 204 6.69 -14.80 -9.30
N THR A 205 6.58 -15.37 -8.08
CA THR A 205 7.70 -15.72 -7.20
C THR A 205 8.61 -16.76 -7.86
N SER A 206 9.92 -16.71 -7.62
CA SER A 206 10.89 -17.68 -8.14
C SER A 206 10.80 -17.92 -9.65
N ASN A 207 11.18 -16.93 -10.45
CA ASN A 207 11.19 -17.04 -11.90
C ASN A 207 12.56 -16.52 -12.43
N ARG A 208 12.68 -16.24 -13.73
CA ARG A 208 13.92 -15.68 -14.28
C ARG A 208 13.71 -14.23 -14.77
N LEU A 209 12.85 -13.47 -14.08
CA LEU A 209 12.56 -12.08 -14.47
C LEU A 209 13.60 -11.08 -13.99
N ALA A 210 14.30 -10.42 -14.92
CA ALA A 210 15.31 -9.41 -14.59
C ALA A 210 14.77 -7.98 -14.72
N THR A 211 13.80 -7.77 -15.62
CA THR A 211 13.19 -6.46 -15.82
C THR A 211 11.67 -6.56 -15.92
N LEU A 212 10.97 -5.51 -15.46
CA LEU A 212 9.52 -5.45 -15.48
C LEU A 212 9.03 -4.15 -16.08
N ALA A 213 7.87 -4.17 -16.75
CA ALA A 213 7.30 -2.96 -17.36
C ALA A 213 6.13 -2.46 -16.53
N PRO A 214 6.01 -1.12 -16.37
CA PRO A 214 4.94 -0.57 -15.54
C PRO A 214 3.53 -1.07 -15.84
N ASP A 215 3.01 -1.89 -14.91
CA ASP A 215 1.69 -2.52 -14.98
C ASP A 215 0.76 -1.98 -13.90
N PRO A 216 -0.48 -1.62 -14.24
CA PRO A 216 -1.41 -1.12 -13.22
C PRO A 216 -2.14 -2.25 -12.44
N LEU A 217 -3.31 -1.94 -11.83
CA LEU A 217 -4.14 -2.87 -11.04
C LEU A 217 -3.34 -3.44 -9.88
N PHE A 218 -2.71 -2.55 -9.13
CA PHE A 218 -1.89 -2.94 -7.99
C PHE A 218 -2.68 -2.91 -6.71
N SER A 219 -3.57 -3.89 -6.52
CA SER A 219 -4.41 -3.98 -5.32
C SER A 219 -3.68 -4.73 -4.22
N VAL A 232 -2.94 -8.18 -6.18
CA VAL A 232 -1.76 -8.58 -5.42
C VAL A 232 -0.76 -9.32 -6.29
N LEU A 233 0.40 -8.71 -6.54
CA LEU A 233 1.46 -9.29 -7.35
C LEU A 233 2.69 -9.58 -6.50
N SER A 234 3.18 -10.83 -6.53
CA SER A 234 4.39 -11.20 -5.80
C SER A 234 5.51 -11.47 -6.79
N PHE A 235 6.69 -10.89 -6.58
CA PHE A 235 7.82 -11.06 -7.50
C PHE A 235 9.15 -11.33 -6.80
N SER A 236 9.10 -11.89 -5.59
CA SER A 236 10.30 -12.23 -4.82
C SER A 236 11.00 -13.45 -5.42
N GLY A 237 12.32 -13.48 -5.29
CA GLY A 237 13.11 -14.57 -5.82
C GLY A 237 13.34 -14.51 -7.31
N ASN A 238 13.43 -13.29 -7.82
CA ASN A 238 13.67 -13.02 -9.23
C ASN A 238 15.03 -12.31 -9.37
N PRO A 239 15.78 -12.57 -10.47
CA PRO A 239 17.09 -11.91 -10.63
C PRO A 239 16.99 -10.45 -11.10
N LEU A 240 16.43 -9.58 -10.26
CA LEU A 240 16.19 -8.18 -10.54
C LEU A 240 17.42 -7.38 -10.92
N HIS A 241 17.31 -6.61 -12.00
CA HIS A 241 18.39 -5.73 -12.43
C HIS A 241 18.04 -4.36 -11.88
N CYS A 242 18.58 -4.04 -10.72
CA CYS A 242 18.25 -2.81 -10.00
C CYS A 242 18.95 -1.57 -10.54
N ASN A 243 18.40 -1.05 -11.63
CA ASN A 243 18.89 0.16 -12.25
C ASN A 243 17.69 1.12 -12.51
N CYS A 244 17.82 2.09 -13.40
CA CYS A 244 16.77 3.07 -13.64
C CYS A 244 15.49 2.47 -14.18
N GLU A 245 15.59 1.32 -14.86
CA GLU A 245 14.43 0.64 -15.44
C GLU A 245 13.48 0.07 -14.38
N LEU A 246 14.00 -0.18 -13.15
CA LEU A 246 13.25 -0.72 -12.02
C LEU A 246 13.05 0.34 -10.92
N LEU A 247 13.03 1.63 -11.27
CA LEU A 247 12.85 2.71 -10.29
C LEU A 247 11.37 3.01 -10.03
N TRP A 248 10.49 2.76 -11.02
CA TRP A 248 9.05 2.98 -10.88
C TRP A 248 8.46 2.01 -9.85
N LEU A 249 8.93 0.76 -9.83
CA LEU A 249 8.48 -0.28 -8.92
C LEU A 249 8.94 0.03 -7.50
N ARG A 250 10.18 0.52 -7.36
CA ARG A 250 10.76 0.92 -6.07
C ARG A 250 10.00 2.10 -5.42
N ARG A 251 9.32 2.92 -6.24
CA ARG A 251 8.54 4.04 -5.75
C ARG A 251 7.14 3.67 -5.23
N LEU A 252 6.70 2.44 -5.40
CA LEU A 252 5.36 2.02 -4.99
C LEU A 252 5.24 1.73 -3.51
N ALA A 253 4.05 1.93 -2.94
CA ALA A 253 3.76 1.63 -1.54
C ALA A 253 3.42 0.16 -1.45
N ARG A 254 4.44 -0.69 -1.40
CA ARG A 254 4.28 -2.14 -1.35
C ARG A 254 5.07 -2.75 -0.17
N PRO A 255 4.62 -3.90 0.39
CA PRO A 255 5.39 -4.51 1.47
C PRO A 255 6.66 -5.20 0.97
N ASP A 256 7.66 -5.36 1.85
CA ASP A 256 8.89 -6.04 1.48
C ASP A 256 8.67 -7.54 1.50
N ASP A 257 8.55 -8.16 0.31
CA ASP A 257 8.38 -9.61 0.22
C ASP A 257 9.74 -10.35 0.12
N LEU A 258 10.82 -9.68 0.58
CA LEU A 258 12.20 -10.15 0.59
C LEU A 258 12.78 -10.28 -0.82
N GLU A 259 12.45 -9.30 -1.69
CA GLU A 259 12.97 -9.21 -3.05
C GLU A 259 14.45 -8.80 -3.00
N THR A 260 15.30 -9.42 -3.82
CA THR A 260 16.74 -9.15 -3.76
C THR A 260 17.29 -8.72 -5.14
N CYS A 261 18.35 -7.88 -5.15
CA CYS A 261 19.01 -7.43 -6.37
C CYS A 261 20.09 -8.45 -6.72
N ALA A 262 20.13 -8.90 -7.97
CA ALA A 262 21.16 -9.83 -8.43
C ALA A 262 22.26 -9.09 -9.24
N SER A 263 21.89 -7.97 -9.86
CA SER A 263 22.75 -7.11 -10.68
C SER A 263 22.25 -5.65 -10.53
N PRO A 264 23.12 -4.62 -10.60
CA PRO A 264 24.58 -4.65 -10.84
C PRO A 264 25.36 -5.22 -9.66
N PRO A 265 26.64 -5.59 -9.86
CA PRO A 265 27.42 -6.19 -8.76
C PRO A 265 27.47 -5.39 -7.45
N THR A 266 27.40 -4.05 -7.51
CA THR A 266 27.38 -3.23 -6.31
C THR A 266 26.13 -3.49 -5.47
N LEU A 267 24.99 -3.70 -6.13
CA LEU A 267 23.73 -3.94 -5.42
C LEU A 267 23.42 -5.42 -5.16
N ALA A 268 24.22 -6.35 -5.71
CA ALA A 268 24.04 -7.79 -5.54
C ALA A 268 24.02 -8.20 -4.07
N GLY A 269 23.01 -8.96 -3.68
CA GLY A 269 22.85 -9.43 -2.31
C GLY A 269 21.93 -8.57 -1.48
N ARG A 270 21.90 -7.25 -1.78
CA ARG A 270 21.08 -6.27 -1.05
C ARG A 270 19.60 -6.43 -1.36
N TYR A 271 18.74 -6.09 -0.38
CA TYR A 271 17.30 -6.14 -0.57
C TYR A 271 16.84 -5.02 -1.48
N PHE A 272 15.85 -5.31 -2.33
CA PHE A 272 15.30 -4.37 -3.29
C PHE A 272 14.64 -3.20 -2.60
N TRP A 273 13.90 -3.47 -1.52
CA TRP A 273 13.24 -2.41 -0.76
C TRP A 273 14.12 -1.72 0.27
N ALA A 274 15.38 -2.15 0.43
CA ALA A 274 16.30 -1.54 1.38
C ALA A 274 17.32 -0.61 0.73
N VAL A 275 17.51 -0.70 -0.60
CA VAL A 275 18.46 0.18 -1.29
C VAL A 275 17.80 1.51 -1.62
N PRO A 276 18.45 2.64 -1.30
CA PRO A 276 17.85 3.94 -1.60
C PRO A 276 17.65 4.18 -3.10
N GLU A 277 16.59 4.94 -3.45
CA GLU A 277 16.22 5.27 -4.82
C GLU A 277 17.33 5.95 -5.63
N GLY A 278 18.24 6.65 -4.94
CA GLY A 278 19.38 7.31 -5.58
C GLY A 278 20.44 6.34 -6.09
N GLU A 279 20.42 5.07 -5.61
CA GLU A 279 21.37 4.05 -6.01
C GLU A 279 20.93 3.24 -7.25
N PHE A 280 19.81 3.62 -7.89
CA PHE A 280 19.32 2.94 -9.09
C PHE A 280 19.80 3.76 -10.30
N SER A 281 21.12 3.73 -10.56
CA SER A 281 21.76 4.50 -11.63
C SER A 281 21.95 3.75 -12.96
N CYS A 282 22.31 4.51 -14.02
CA CYS A 282 22.58 4.03 -15.36
C CYS A 282 23.84 4.68 -15.90
N ASP B 18 27.76 48.68 14.92
CA ASP B 18 26.80 47.83 15.62
C ASP B 18 25.48 48.57 15.86
N LYS B 19 24.47 48.33 15.01
CA LYS B 19 23.16 48.96 15.15
C LYS B 19 22.32 48.11 16.11
N LEU B 20 22.38 48.44 17.41
CA LEU B 20 21.67 47.68 18.44
C LEU B 20 20.16 47.86 18.37
N CYS B 21 19.47 46.74 18.66
CA CYS B 21 18.03 46.48 18.68
C CYS B 21 17.11 47.65 18.58
N PRO B 22 16.01 47.47 17.83
CA PRO B 22 14.88 48.40 17.96
C PRO B 22 14.31 48.31 19.39
N LEU B 23 13.80 49.43 19.92
CA LEU B 23 13.28 49.51 21.30
C LEU B 23 12.39 48.31 21.73
N PRO B 24 11.33 47.88 20.99
CA PRO B 24 10.54 46.73 21.45
C PRO B 24 11.20 45.36 21.18
N CYS B 25 12.20 45.30 20.31
CA CYS B 25 12.84 44.05 19.95
C CYS B 25 13.99 43.65 20.87
N VAL B 26 14.24 42.33 20.95
CA VAL B 26 15.30 41.77 21.77
C VAL B 26 16.30 41.08 20.85
N CYS B 27 17.61 41.33 21.03
CA CYS B 27 18.62 40.71 20.17
C CYS B 27 19.49 39.70 20.91
N GLN B 28 19.53 38.47 20.37
CA GLN B 28 20.33 37.40 20.93
C GLN B 28 21.59 37.20 20.11
N ASN B 29 22.65 37.86 20.63
CA ASN B 29 24.01 38.04 20.16
C ASN B 29 24.92 36.82 20.27
N LEU B 30 25.32 36.31 19.12
CA LEU B 30 26.30 35.25 18.99
C LEU B 30 27.50 35.90 18.27
N SER B 31 28.73 35.52 18.63
CA SER B 31 29.92 36.12 18.03
C SER B 31 29.94 36.06 16.49
N GLU B 32 29.29 35.04 15.90
CA GLU B 32 29.21 34.89 14.45
C GLU B 32 27.77 35.02 13.89
N SER B 33 26.75 34.87 14.75
CA SER B 33 25.32 34.93 14.36
C SER B 33 24.55 36.12 15.03
N LEU B 34 23.33 36.43 14.55
CA LEU B 34 22.50 37.51 15.10
C LEU B 34 21.00 37.20 14.96
N SER B 35 20.19 37.48 16.00
CA SER B 35 18.76 37.18 15.96
C SER B 35 17.91 38.26 16.61
N THR B 36 17.13 39.01 15.81
CA THR B 36 16.26 40.06 16.33
C THR B 36 14.84 39.53 16.49
N LEU B 37 14.37 39.37 17.73
CA LEU B 37 13.03 38.85 17.99
C LEU B 37 12.02 39.93 18.36
N CYS B 38 11.06 40.16 17.46
CA CYS B 38 9.99 41.14 17.63
C CYS B 38 8.61 40.50 17.62
N ALA B 39 8.48 39.23 18.00
CA ALA B 39 7.20 38.56 17.99
C ALA B 39 6.29 39.01 19.15
N HIS B 40 4.98 39.15 18.89
CA HIS B 40 3.96 39.59 19.86
C HIS B 40 4.24 40.96 20.49
N ARG B 41 4.84 41.89 19.74
CA ARG B 41 5.15 43.23 20.25
C ARG B 41 4.18 44.35 19.82
N GLY B 42 3.10 43.99 19.13
CA GLY B 42 2.10 44.95 18.68
C GLY B 42 2.59 45.91 17.63
N LEU B 43 3.53 45.48 16.77
CA LEU B 43 4.10 46.34 15.75
C LEU B 43 3.11 46.65 14.64
N LEU B 44 3.06 47.91 14.21
CA LEU B 44 2.18 48.32 13.11
C LEU B 44 2.89 48.25 11.73
N PHE B 45 4.23 48.21 11.73
CA PHE B 45 5.07 48.12 10.54
C PHE B 45 6.48 47.64 10.93
N VAL B 46 7.23 47.10 9.95
CA VAL B 46 8.59 46.60 10.20
C VAL B 46 9.50 47.73 10.65
N PRO B 47 10.11 47.61 11.84
CA PRO B 47 10.97 48.69 12.34
C PRO B 47 12.18 48.94 11.47
N PRO B 48 12.48 50.21 11.18
CA PRO B 48 13.63 50.51 10.30
C PRO B 48 15.00 50.54 11.01
N ASN B 49 15.02 50.40 12.35
CA ASN B 49 16.27 50.42 13.11
C ASN B 49 16.84 49.00 13.36
N VAL B 50 16.45 48.03 12.52
CA VAL B 50 16.95 46.68 12.64
C VAL B 50 18.36 46.61 12.01
N ASP B 51 19.30 45.92 12.67
CA ASP B 51 20.67 45.78 12.17
C ASP B 51 20.66 45.02 10.86
N ARG B 52 21.41 45.48 9.86
CA ARG B 52 21.48 44.80 8.57
C ARG B 52 22.28 43.49 8.60
N ARG B 53 23.06 43.27 9.66
CA ARG B 53 23.83 42.05 9.85
C ARG B 53 22.99 40.90 10.45
N THR B 54 21.69 41.13 10.75
CA THR B 54 20.83 40.10 11.35
C THR B 54 20.65 38.91 10.43
N VAL B 55 20.58 37.73 11.05
CA VAL B 55 20.44 36.45 10.35
C VAL B 55 19.01 35.91 10.54
N GLU B 56 18.46 36.07 11.75
CA GLU B 56 17.10 35.60 12.03
C GLU B 56 16.23 36.79 12.42
N LEU B 57 15.27 37.14 11.56
CA LEU B 57 14.36 38.24 11.84
C LEU B 57 12.97 37.66 12.10
N ARG B 58 12.53 37.70 13.36
CA ARG B 58 11.22 37.16 13.72
C ARG B 58 10.25 38.31 13.95
N LEU B 59 9.24 38.45 13.10
CA LEU B 59 8.23 39.50 13.20
C LEU B 59 6.81 38.93 13.23
N ALA B 60 6.63 37.71 13.73
CA ALA B 60 5.33 37.06 13.80
C ALA B 60 4.42 37.63 14.90
N ASP B 61 3.09 37.41 14.79
CA ASP B 61 2.09 37.85 15.79
C ASP B 61 1.98 39.35 15.98
N ASN B 62 2.41 40.13 15.00
CA ASN B 62 2.30 41.57 15.05
C ASN B 62 1.09 42.03 14.21
N PHE B 63 1.02 43.30 13.85
CA PHE B 63 -0.07 43.85 13.08
C PHE B 63 0.44 44.69 11.90
N ILE B 64 1.57 44.26 11.30
CA ILE B 64 2.14 44.95 10.14
C ILE B 64 1.27 44.61 8.94
N GLN B 65 0.75 45.63 8.25
CA GLN B 65 -0.16 45.42 7.13
C GLN B 65 0.50 45.55 5.77
N ALA B 66 1.63 46.24 5.67
CA ALA B 66 2.27 46.46 4.38
C ALA B 66 3.77 46.23 4.36
N LEU B 67 4.25 45.51 3.33
CA LEU B 67 5.67 45.26 3.16
C LEU B 67 6.17 45.99 1.92
N GLY B 68 7.33 46.61 2.03
CA GLY B 68 7.93 47.35 0.92
C GLY B 68 9.43 47.15 0.85
N PRO B 69 10.06 47.58 -0.27
CA PRO B 69 11.53 47.42 -0.41
C PRO B 69 12.41 48.02 0.70
N PRO B 70 12.15 49.19 1.34
CA PRO B 70 13.05 49.67 2.41
C PRO B 70 12.96 48.91 3.74
N ASP B 71 11.97 48.02 3.89
CA ASP B 71 11.81 47.26 5.12
C ASP B 71 12.91 46.21 5.32
N PHE B 72 13.33 45.55 4.23
CA PHE B 72 14.39 44.53 4.27
C PHE B 72 15.53 44.86 3.30
N ARG B 73 15.83 46.16 3.13
CA ARG B 73 16.91 46.56 2.21
C ARG B 73 18.27 46.40 2.89
N ASN B 74 19.29 46.01 2.11
CA ASN B 74 20.68 45.82 2.52
C ASN B 74 20.89 44.69 3.53
N MET B 75 19.90 43.78 3.68
CA MET B 75 20.05 42.64 4.57
C MET B 75 20.57 41.47 3.77
N THR B 76 21.89 41.39 3.61
CA THR B 76 22.52 40.34 2.83
C THR B 76 22.43 38.97 3.53
N GLY B 77 22.90 38.89 4.77
CA GLY B 77 22.94 37.64 5.53
C GLY B 77 21.68 37.18 6.23
N LEU B 78 20.50 37.71 5.85
CA LEU B 78 19.25 37.27 6.49
C LEU B 78 18.85 35.92 5.95
N VAL B 79 18.85 34.90 6.82
CA VAL B 79 18.53 33.53 6.45
C VAL B 79 17.08 33.13 6.81
N ASP B 80 16.64 33.43 8.05
CA ASP B 80 15.29 33.07 8.48
C ASP B 80 14.40 34.28 8.74
N LEU B 81 13.40 34.51 7.87
CA LEU B 81 12.47 35.63 8.04
C LEU B 81 11.05 35.11 8.23
N THR B 82 10.50 35.27 9.44
CA THR B 82 9.14 34.84 9.74
C THR B 82 8.21 36.02 9.96
N LEU B 83 7.14 36.10 9.18
CA LEU B 83 6.15 37.17 9.27
C LEU B 83 4.73 36.59 9.46
N SER B 84 4.62 35.45 10.13
CA SER B 84 3.38 34.72 10.37
C SER B 84 2.34 35.46 11.23
N ARG B 85 1.05 35.15 11.01
CA ARG B 85 -0.11 35.67 11.75
C ARG B 85 -0.16 37.19 11.88
N ASN B 86 0.22 37.89 10.80
CA ASN B 86 0.17 39.35 10.75
C ASN B 86 -1.09 39.79 9.97
N ALA B 87 -1.14 41.05 9.50
CA ALA B 87 -2.28 41.54 8.73
C ALA B 87 -1.84 42.06 7.38
N ILE B 88 -0.77 41.47 6.80
CA ILE B 88 -0.24 41.87 5.51
C ILE B 88 -1.23 41.61 4.40
N THR B 89 -1.72 42.68 3.80
CA THR B 89 -2.64 42.60 2.67
C THR B 89 -1.88 42.86 1.36
N ARG B 90 -0.81 43.68 1.41
CA ARG B 90 -0.03 44.03 0.23
C ARG B 90 1.48 43.87 0.41
N ILE B 91 2.13 43.28 -0.60
CA ILE B 91 3.58 43.13 -0.66
C ILE B 91 4.06 43.87 -1.90
N GLY B 92 4.91 44.86 -1.69
CA GLY B 92 5.43 45.70 -2.77
C GLY B 92 6.38 44.98 -3.71
N ALA B 93 6.72 45.63 -4.82
CA ALA B 93 7.62 45.05 -5.81
C ALA B 93 9.05 45.06 -5.29
N ARG B 94 9.69 43.89 -5.19
CA ARG B 94 11.05 43.76 -4.71
C ARG B 94 11.18 44.09 -3.22
N SER B 95 10.26 43.57 -2.38
CA SER B 95 10.33 43.79 -0.94
C SER B 95 11.51 42.99 -0.37
N PHE B 96 11.72 41.75 -0.89
CA PHE B 96 12.80 40.86 -0.46
C PHE B 96 13.97 40.85 -1.47
N GLY B 97 14.14 41.93 -2.24
CA GLY B 97 15.16 42.06 -3.27
C GLY B 97 16.60 41.86 -2.86
N ASP B 98 16.97 42.31 -1.65
CA ASP B 98 18.34 42.18 -1.17
C ASP B 98 18.57 40.96 -0.24
N LEU B 99 17.53 40.17 0.04
CA LEU B 99 17.67 38.99 0.89
C LEU B 99 18.21 37.82 0.03
N GLU B 100 19.51 37.84 -0.29
CA GLU B 100 20.12 36.79 -1.12
C GLU B 100 20.31 35.47 -0.38
N SER B 101 20.64 35.57 0.91
CA SER B 101 20.86 34.40 1.76
C SER B 101 19.56 33.81 2.33
N LEU B 102 18.38 34.39 2.03
CA LEU B 102 17.11 33.90 2.54
C LEU B 102 16.84 32.42 2.22
N ARG B 103 16.86 31.57 3.24
CA ARG B 103 16.59 30.14 3.06
C ARG B 103 15.16 29.74 3.49
N SER B 104 14.49 30.56 4.31
CA SER B 104 13.14 30.27 4.75
C SER B 104 12.34 31.58 4.84
N LEU B 105 11.13 31.56 4.31
CA LEU B 105 10.27 32.75 4.33
C LEU B 105 8.87 32.34 4.75
N HIS B 106 8.43 32.85 5.91
CA HIS B 106 7.11 32.51 6.42
C HIS B 106 6.17 33.68 6.26
N LEU B 107 5.09 33.47 5.53
CA LEU B 107 4.09 34.52 5.29
C LEU B 107 2.67 33.96 5.55
N ASP B 108 2.54 33.04 6.50
CA ASP B 108 1.26 32.42 6.81
C ASP B 108 0.34 33.31 7.68
N GLY B 109 -0.96 32.99 7.69
CA GLY B 109 -1.96 33.70 8.48
C GLY B 109 -2.04 35.17 8.16
N ASN B 110 -2.05 35.51 6.86
CA ASN B 110 -2.09 36.89 6.39
C ASN B 110 -3.34 37.17 5.50
N ARG B 111 -3.44 38.38 4.93
CA ARG B 111 -4.57 38.75 4.08
C ARG B 111 -4.18 38.87 2.60
N LEU B 112 -3.15 38.13 2.16
CA LEU B 112 -2.72 38.20 0.76
C LEU B 112 -3.71 37.55 -0.18
N VAL B 113 -4.09 38.28 -1.23
CA VAL B 113 -5.06 37.80 -2.21
C VAL B 113 -4.38 37.47 -3.58
N GLU B 114 -3.44 38.32 -4.01
CA GLU B 114 -2.74 38.08 -5.26
C GLU B 114 -1.22 38.20 -5.11
N LEU B 115 -0.46 37.19 -5.58
CA LEU B 115 0.99 37.25 -5.54
C LEU B 115 1.48 37.55 -6.96
N GLY B 116 2.20 38.65 -7.12
CA GLY B 116 2.71 39.06 -8.42
C GLY B 116 4.05 38.46 -8.76
N SER B 117 4.59 38.81 -9.94
CA SER B 117 5.89 38.30 -10.38
C SER B 117 7.04 38.97 -9.64
N SER B 118 6.89 40.27 -9.32
CA SER B 118 7.92 41.06 -8.63
C SER B 118 7.90 40.89 -7.10
N SER B 119 6.77 40.42 -6.55
CA SER B 119 6.60 40.28 -5.11
C SER B 119 7.63 39.34 -4.45
N LEU B 120 7.82 38.14 -5.03
CA LEU B 120 8.76 37.18 -4.47
C LEU B 120 10.16 37.23 -5.09
N ARG B 121 10.50 38.33 -5.77
CA ARG B 121 11.82 38.45 -6.39
C ARG B 121 12.83 38.84 -5.31
N GLY B 122 13.98 38.16 -5.32
CA GLY B 122 15.01 38.43 -4.32
C GLY B 122 15.66 37.21 -3.69
N PRO B 123 14.91 36.34 -2.98
CA PRO B 123 15.55 35.17 -2.35
C PRO B 123 15.97 34.08 -3.34
N VAL B 124 17.22 34.17 -3.79
CA VAL B 124 17.77 33.25 -4.78
C VAL B 124 17.96 31.81 -4.24
N ASN B 125 18.44 31.66 -3.00
CA ASN B 125 18.65 30.33 -2.44
C ASN B 125 17.53 29.93 -1.49
N LEU B 126 16.29 30.37 -1.75
CA LEU B 126 15.15 30.05 -0.89
C LEU B 126 14.80 28.56 -0.91
N GLN B 127 14.68 27.94 0.26
CA GLN B 127 14.39 26.52 0.36
C GLN B 127 13.02 26.22 0.96
N HIS B 128 12.42 27.17 1.69
CA HIS B 128 11.11 26.95 2.29
C HIS B 128 10.22 28.15 2.07
N LEU B 129 9.00 27.93 1.58
CA LEU B 129 8.08 29.02 1.33
C LEU B 129 6.69 28.70 1.86
N ILE B 130 6.33 29.31 3.01
CA ILE B 130 5.04 29.10 3.65
C ILE B 130 4.10 30.24 3.32
N LEU B 131 3.06 29.95 2.54
CA LEU B 131 2.06 30.95 2.14
C LEU B 131 0.65 30.49 2.50
N SER B 132 0.49 29.66 3.54
CA SER B 132 -0.80 29.13 3.96
C SER B 132 -1.66 30.09 4.80
N GLY B 133 -2.96 29.83 4.88
CA GLY B 133 -3.87 30.63 5.69
C GLY B 133 -4.21 32.01 5.19
N ASN B 134 -3.90 32.30 3.93
CA ASN B 134 -4.21 33.61 3.33
C ASN B 134 -5.50 33.46 2.46
N GLN B 135 -5.78 34.43 1.57
CA GLN B 135 -6.93 34.35 0.67
C GLN B 135 -6.44 34.43 -0.77
N LEU B 136 -5.34 33.73 -1.08
CA LEU B 136 -4.72 33.74 -2.40
C LEU B 136 -5.63 33.12 -3.46
N GLY B 137 -6.02 33.94 -4.43
CA GLY B 137 -6.85 33.53 -5.56
C GLY B 137 -6.06 33.40 -6.85
N ARG B 138 -4.99 34.19 -7.00
CA ARG B 138 -4.15 34.14 -8.18
C ARG B 138 -2.68 34.33 -7.83
N ILE B 139 -1.81 33.49 -8.41
CA ILE B 139 -0.35 33.54 -8.21
C ILE B 139 0.28 33.57 -9.58
N ALA B 140 1.16 34.55 -9.83
CA ALA B 140 1.83 34.73 -11.12
C ALA B 140 2.67 33.51 -11.52
N PRO B 141 2.75 33.19 -12.83
CA PRO B 141 3.52 32.01 -13.25
C PRO B 141 5.04 32.14 -13.05
N GLY B 142 5.54 33.37 -13.05
CA GLY B 142 6.94 33.66 -12.83
C GLY B 142 7.27 34.21 -11.45
N ALA B 143 6.43 33.90 -10.45
CA ALA B 143 6.65 34.39 -9.09
C ALA B 143 7.80 33.64 -8.43
N PHE B 144 7.88 32.33 -8.68
CA PHE B 144 8.93 31.50 -8.12
C PHE B 144 10.16 31.37 -9.04
N ASP B 145 10.27 32.18 -10.10
CA ASP B 145 11.37 32.10 -11.07
C ASP B 145 12.76 32.41 -10.49
N ASP B 146 12.84 32.91 -9.27
CA ASP B 146 14.13 33.19 -8.62
C ASP B 146 14.69 31.97 -7.87
N PHE B 147 13.85 30.98 -7.54
CA PHE B 147 14.27 29.84 -6.72
C PHE B 147 13.89 28.49 -7.30
N LEU B 148 14.56 28.11 -8.38
CA LEU B 148 14.40 26.80 -8.98
C LEU B 148 15.55 25.93 -8.47
N ASP B 149 15.29 24.63 -8.26
CA ASP B 149 16.27 23.67 -7.76
C ASP B 149 16.71 23.92 -6.30
N SER B 150 16.31 25.06 -5.72
CA SER B 150 16.59 25.38 -4.33
C SER B 150 15.32 25.26 -3.49
N LEU B 151 14.13 25.46 -4.09
CA LEU B 151 12.89 25.37 -3.32
C LEU B 151 12.54 23.92 -2.98
N GLU B 152 12.49 23.60 -1.68
CA GLU B 152 12.22 22.25 -1.20
C GLU B 152 10.86 22.11 -0.51
N ASP B 153 10.22 23.22 -0.15
CA ASP B 153 8.93 23.19 0.52
C ASP B 153 8.01 24.30 0.01
N LEU B 154 6.91 23.92 -0.63
CA LEU B 154 5.94 24.91 -1.11
C LEU B 154 4.62 24.65 -0.41
N ASP B 155 4.26 25.55 0.51
CA ASP B 155 3.02 25.43 1.26
C ASP B 155 2.10 26.54 0.85
N VAL B 156 0.92 26.20 0.32
CA VAL B 156 -0.10 27.17 -0.08
C VAL B 156 -1.51 26.72 0.37
N SER B 157 -1.60 25.94 1.45
CA SER B 157 -2.88 25.43 1.95
C SER B 157 -3.79 26.51 2.57
N TYR B 158 -5.10 26.23 2.73
CA TYR B 158 -6.09 27.16 3.30
C TYR B 158 -6.17 28.52 2.57
N ASN B 159 -6.27 28.49 1.25
CA ASN B 159 -6.40 29.69 0.41
C ASN B 159 -7.65 29.56 -0.49
N ASN B 160 -7.82 30.44 -1.51
CA ASN B 160 -8.95 30.34 -2.44
C ASN B 160 -8.47 29.99 -3.87
N LEU B 161 -7.34 29.28 -4.00
CA LEU B 161 -6.74 28.93 -5.27
C LEU B 161 -7.54 27.98 -6.15
N ARG B 162 -7.92 28.42 -7.34
CA ARG B 162 -8.61 27.57 -8.32
C ARG B 162 -7.54 26.96 -9.23
N GLN B 163 -6.55 27.76 -9.65
CA GLN B 163 -5.45 27.27 -10.45
C GLN B 163 -4.11 27.74 -9.86
N VAL B 164 -3.18 26.83 -9.69
CA VAL B 164 -1.85 27.14 -9.16
C VAL B 164 -0.84 27.20 -10.33
N PRO B 165 0.28 27.96 -10.26
CA PRO B 165 1.22 27.98 -11.39
C PRO B 165 1.93 26.63 -11.55
N TRP B 166 1.38 25.80 -12.43
CA TRP B 166 1.85 24.44 -12.68
C TRP B 166 3.22 24.41 -13.40
N ALA B 167 3.47 25.41 -14.24
CA ALA B 167 4.73 25.57 -14.98
C ALA B 167 5.91 25.84 -14.03
N GLY B 168 5.64 26.59 -12.96
CA GLY B 168 6.65 26.92 -11.95
C GLY B 168 6.88 25.75 -11.02
N ILE B 169 5.80 25.20 -10.46
CA ILE B 169 5.90 24.05 -9.54
C ILE B 169 6.53 22.82 -10.21
N GLY B 170 6.32 22.66 -11.51
CA GLY B 170 6.89 21.55 -12.26
C GLY B 170 8.35 21.72 -12.65
N SER B 171 8.89 22.93 -12.45
CA SER B 171 10.29 23.24 -12.75
C SER B 171 11.17 23.30 -11.50
N MET B 172 10.76 22.63 -10.42
CA MET B 172 11.52 22.60 -9.17
C MET B 172 11.97 21.18 -8.92
N PRO B 173 13.18 20.82 -9.37
CA PRO B 173 13.65 19.43 -9.18
C PRO B 173 13.95 19.03 -7.73
N ALA B 174 14.03 19.99 -6.80
CA ALA B 174 14.31 19.67 -5.41
C ALA B 174 13.08 19.70 -4.50
N LEU B 175 11.89 20.00 -5.03
CA LEU B 175 10.67 20.08 -4.22
C LEU B 175 10.29 18.75 -3.57
N HIS B 176 10.28 18.73 -2.23
CA HIS B 176 9.95 17.57 -1.42
C HIS B 176 8.47 17.59 -1.02
N THR B 177 7.94 18.78 -0.68
CA THR B 177 6.58 18.88 -0.18
C THR B 177 5.74 19.97 -0.83
N LEU B 178 4.56 19.60 -1.37
CA LEU B 178 3.67 20.57 -1.98
C LEU B 178 2.29 20.46 -1.35
N ASN B 179 1.94 21.44 -0.50
CA ASN B 179 0.65 21.43 0.16
C ASN B 179 -0.35 22.30 -0.57
N LEU B 180 -1.22 21.67 -1.38
CA LEU B 180 -2.28 22.37 -2.11
C LEU B 180 -3.66 22.08 -1.48
N ASP B 181 -3.71 21.62 -0.21
CA ASP B 181 -4.93 21.23 0.48
C ASP B 181 -5.75 22.40 1.00
N HIS B 182 -7.07 22.20 1.10
CA HIS B 182 -8.04 23.20 1.53
C HIS B 182 -7.99 24.41 0.61
N ASN B 183 -8.25 24.19 -0.67
CA ASN B 183 -8.27 25.22 -1.71
C ASN B 183 -9.54 25.03 -2.58
N LEU B 184 -9.56 25.52 -3.85
CA LEU B 184 -10.69 25.35 -4.75
C LEU B 184 -10.23 24.78 -6.11
N ILE B 185 -9.17 23.95 -6.11
CA ILE B 185 -8.61 23.39 -7.35
C ILE B 185 -9.55 22.35 -7.95
N ASP B 186 -10.06 22.61 -9.16
CA ASP B 186 -11.02 21.72 -9.81
C ASP B 186 -10.41 20.77 -10.83
N ALA B 187 -9.20 21.07 -11.31
CA ALA B 187 -8.56 20.22 -12.33
C ALA B 187 -7.11 19.94 -12.03
N LEU B 188 -6.73 18.67 -12.17
CA LEU B 188 -5.35 18.20 -11.96
C LEU B 188 -5.05 17.18 -13.06
N PRO B 189 -5.00 17.63 -14.34
CA PRO B 189 -4.78 16.68 -15.42
C PRO B 189 -3.49 17.03 -16.20
N PRO B 190 -2.30 17.17 -15.55
CA PRO B 190 -1.14 17.66 -16.28
C PRO B 190 0.08 16.71 -16.34
N GLY B 191 1.20 17.26 -16.81
CA GLY B 191 2.51 16.62 -16.80
C GLY B 191 3.43 17.44 -15.91
N VAL B 192 2.91 17.85 -14.75
CA VAL B 192 3.66 18.68 -13.83
C VAL B 192 4.57 17.83 -12.96
N PHE B 193 4.01 16.75 -12.42
CA PHE B 193 4.73 15.86 -11.51
C PHE B 193 5.70 14.91 -12.22
N ALA B 194 6.05 15.19 -13.48
CA ALA B 194 6.99 14.36 -14.23
C ALA B 194 8.42 14.71 -13.80
N GLN B 195 8.75 15.99 -13.66
CA GLN B 195 10.09 16.44 -13.26
C GLN B 195 10.32 16.41 -11.74
N LEU B 196 9.28 16.07 -10.95
CA LEU B 196 9.37 16.01 -9.50
C LEU B 196 9.79 14.61 -9.01
N SER B 197 11.11 14.40 -8.87
CA SER B 197 11.65 13.14 -8.41
C SER B 197 11.74 13.05 -6.88
N GLN B 198 12.01 14.17 -6.21
CA GLN B 198 12.12 14.19 -4.75
C GLN B 198 10.79 14.40 -4.01
N LEU B 199 9.68 14.51 -4.74
CA LEU B 199 8.36 14.74 -4.16
C LEU B 199 7.94 13.60 -3.25
N SER B 200 7.87 13.89 -1.95
CA SER B 200 7.49 13.00 -0.87
C SER B 200 6.03 13.18 -0.44
N ARG B 201 5.52 14.42 -0.58
CA ARG B 201 4.16 14.72 -0.18
C ARG B 201 3.47 15.58 -1.19
N LEU B 202 2.23 15.23 -1.51
CA LEU B 202 1.37 16.08 -2.33
C LEU B 202 0.00 16.04 -1.71
N ASP B 203 -0.36 17.07 -0.95
CA ASP B 203 -1.65 17.12 -0.26
C ASP B 203 -2.68 17.82 -1.13
N LEU B 204 -3.77 17.12 -1.43
CA LEU B 204 -4.86 17.66 -2.25
C LEU B 204 -6.22 17.53 -1.52
N THR B 205 -6.21 17.44 -0.18
CA THR B 205 -7.39 17.34 0.67
C THR B 205 -8.27 18.59 0.54
N SER B 206 -9.61 18.45 0.61
CA SER B 206 -10.55 19.57 0.54
C SER B 206 -10.36 20.49 -0.66
N ASN B 207 -10.58 19.97 -1.86
CA ASN B 207 -10.47 20.75 -3.11
C ASN B 207 -11.76 20.53 -3.94
N ARG B 208 -11.84 21.06 -5.17
CA ARG B 208 -13.01 20.87 -6.03
C ARG B 208 -12.75 19.82 -7.10
N LEU B 209 -11.92 18.81 -6.81
CA LEU B 209 -11.57 17.75 -7.76
C LEU B 209 -12.64 16.68 -7.91
N ALA B 210 -13.26 16.57 -9.10
CA ALA B 210 -14.26 15.54 -9.37
C ALA B 210 -13.68 14.35 -10.14
N THR B 211 -12.66 14.60 -10.96
CA THR B 211 -12.02 13.56 -11.78
C THR B 211 -10.49 13.67 -11.73
N LEU B 212 -9.80 12.52 -11.79
CA LEU B 212 -8.35 12.46 -11.72
C LEU B 212 -7.81 11.60 -12.84
N ALA B 213 -6.60 11.90 -13.32
CA ALA B 213 -5.98 11.13 -14.41
C ALA B 213 -4.88 10.23 -13.86
N PRO B 214 -4.77 8.99 -14.36
CA PRO B 214 -3.75 8.08 -13.84
C PRO B 214 -2.31 8.56 -13.87
N ASP B 215 -1.74 8.81 -12.70
CA ASP B 215 -0.35 9.20 -12.51
C ASP B 215 0.23 8.26 -11.46
N PRO B 216 1.44 7.72 -11.68
CA PRO B 216 2.07 6.85 -10.68
C PRO B 216 2.16 7.49 -9.30
N LEU B 217 1.99 6.70 -8.23
CA LEU B 217 2.03 7.26 -6.88
C LEU B 217 3.17 6.71 -6.04
N PHE B 218 3.96 7.66 -5.49
CA PHE B 218 5.14 7.38 -4.69
C PHE B 218 4.81 6.94 -3.24
N SER B 219 5.80 6.37 -2.54
CA SER B 219 5.64 5.94 -1.16
C SER B 219 6.53 6.75 -0.21
N VAL B 232 3.38 10.18 -1.34
CA VAL B 232 2.11 10.13 -0.63
C VAL B 232 1.15 11.20 -1.12
N LEU B 233 0.00 10.79 -1.67
CA LEU B 233 -1.01 11.72 -2.17
C LEU B 233 -2.30 11.57 -1.36
N SER B 234 -2.81 12.67 -0.82
CA SER B 234 -4.07 12.65 -0.07
C SER B 234 -5.13 13.39 -0.88
N PHE B 235 -6.32 12.81 -1.05
CA PHE B 235 -7.38 13.41 -1.86
C PHE B 235 -8.76 13.32 -1.21
N SER B 236 -8.80 13.22 0.12
CA SER B 236 -10.05 13.17 0.88
C SER B 236 -10.75 14.53 0.90
N GLY B 237 -12.07 14.51 0.93
CA GLY B 237 -12.86 15.73 0.94
C GLY B 237 -12.96 16.42 -0.40
N ASN B 238 -12.92 15.62 -1.47
CA ASN B 238 -13.04 16.07 -2.86
C ASN B 238 -14.36 15.54 -3.42
N PRO B 239 -15.06 16.29 -4.28
CA PRO B 239 -16.34 15.82 -4.82
C PRO B 239 -16.19 14.78 -5.94
N LEU B 240 -15.67 13.60 -5.59
CA LEU B 240 -15.39 12.50 -6.50
C LEU B 240 -16.58 12.02 -7.29
N HIS B 241 -16.38 11.87 -8.60
CA HIS B 241 -17.41 11.34 -9.48
C HIS B 241 -17.08 9.86 -9.62
N CYS B 242 -17.73 9.03 -8.82
CA CYS B 242 -17.44 7.60 -8.75
C CYS B 242 -18.07 6.79 -9.87
N ASN B 243 -17.38 6.77 -11.02
CA ASN B 243 -17.81 6.01 -12.18
C ASN B 243 -16.58 5.28 -12.80
N CYS B 244 -16.64 4.87 -14.06
CA CYS B 244 -15.55 4.17 -14.72
C CYS B 244 -14.26 5.00 -14.79
N GLU B 245 -14.38 6.34 -14.85
CA GLU B 245 -13.24 7.25 -14.92
C GLU B 245 -12.33 7.22 -13.69
N LEU B 246 -12.87 6.86 -12.52
CA LEU B 246 -12.05 6.75 -11.30
C LEU B 246 -11.87 5.31 -10.82
N LEU B 247 -12.09 4.31 -11.69
CA LEU B 247 -11.96 2.90 -11.34
C LEU B 247 -10.50 2.47 -11.15
N TRP B 248 -9.56 3.15 -11.83
CA TRP B 248 -8.13 2.86 -11.72
C TRP B 248 -7.61 3.17 -10.32
N LEU B 249 -8.12 4.28 -9.73
CA LEU B 249 -7.74 4.74 -8.39
C LEU B 249 -8.29 3.79 -7.34
N ARG B 250 -9.53 3.31 -7.55
CA ARG B 250 -10.19 2.35 -6.66
C ARG B 250 -9.45 0.99 -6.62
N ARG B 251 -8.71 0.66 -7.66
CA ARG B 251 -7.94 -0.58 -7.74
C ARG B 251 -6.58 -0.54 -7.04
N LEU B 252 -6.16 0.62 -6.53
CA LEU B 252 -4.85 0.74 -5.88
C LEU B 252 -4.87 0.26 -4.43
N ALA B 253 -3.72 -0.24 -3.95
CA ALA B 253 -3.59 -0.70 -2.56
C ALA B 253 -3.24 0.51 -1.73
N ARG B 254 -4.26 1.28 -1.34
CA ARG B 254 -4.11 2.51 -0.58
C ARG B 254 -4.99 2.49 0.69
N PRO B 255 -4.61 3.20 1.77
CA PRO B 255 -5.46 3.23 2.96
C PRO B 255 -6.68 4.12 2.78
N ASP B 256 -7.74 3.88 3.56
CA ASP B 256 -8.95 4.68 3.47
C ASP B 256 -8.75 5.98 4.23
N ASP B 257 -8.55 7.09 3.51
CA ASP B 257 -8.40 8.40 4.15
C ASP B 257 -9.76 9.12 4.31
N LEU B 258 -10.87 8.36 4.33
CA LEU B 258 -12.25 8.78 4.47
C LEU B 258 -12.74 9.57 3.26
N GLU B 259 -12.34 9.13 2.06
CA GLU B 259 -12.77 9.72 0.79
C GLU B 259 -14.23 9.36 0.54
N THR B 260 -15.03 10.32 0.06
CA THR B 260 -16.46 10.10 -0.13
C THR B 260 -16.90 10.37 -1.59
N CYS B 261 -17.94 9.68 -2.07
CA CYS B 261 -18.51 9.90 -3.41
C CYS B 261 -19.57 10.99 -3.30
N ALA B 262 -19.52 11.98 -4.18
CA ALA B 262 -20.53 13.05 -4.19
C ALA B 262 -21.55 12.85 -5.34
N SER B 263 -21.12 12.15 -6.40
CA SER B 263 -21.91 11.81 -7.58
C SER B 263 -21.40 10.47 -8.13
N PRO B 264 -22.25 9.63 -8.75
CA PRO B 264 -23.69 9.81 -9.03
C PRO B 264 -24.57 9.76 -7.78
N PRO B 265 -25.83 10.24 -7.86
CA PRO B 265 -26.70 10.25 -6.65
C PRO B 265 -26.84 8.91 -5.92
N THR B 266 -26.76 7.78 -6.63
CA THR B 266 -26.84 6.46 -5.99
C THR B 266 -25.64 6.24 -5.05
N LEU B 267 -24.44 6.71 -5.43
CA LEU B 267 -23.25 6.53 -4.61
C LEU B 267 -22.96 7.68 -3.63
N ALA B 268 -23.74 8.79 -3.71
CA ALA B 268 -23.57 9.95 -2.85
C ALA B 268 -23.66 9.60 -1.38
N GLY B 269 -22.70 10.06 -0.59
CA GLY B 269 -22.66 9.81 0.83
C GLY B 269 -21.79 8.63 1.24
N ARG B 270 -21.77 7.58 0.42
CA ARG B 270 -20.99 6.37 0.71
C ARG B 270 -19.49 6.58 0.52
N TYR B 271 -18.67 5.81 1.25
CA TYR B 271 -17.22 5.91 1.16
C TYR B 271 -16.69 5.38 -0.16
N PHE B 272 -15.64 6.03 -0.67
CA PHE B 272 -15.01 5.66 -1.94
C PHE B 272 -14.37 4.30 -1.87
N TRP B 273 -13.72 3.99 -0.74
CA TRP B 273 -13.09 2.68 -0.56
C TRP B 273 -14.04 1.60 -0.08
N ALA B 274 -15.32 1.91 0.17
CA ALA B 274 -16.29 0.93 0.63
C ALA B 274 -17.25 0.47 -0.47
N VAL B 275 -17.36 1.20 -1.59
CA VAL B 275 -18.23 0.80 -2.68
C VAL B 275 -17.52 -0.21 -3.59
N PRO B 276 -18.18 -1.33 -3.92
CA PRO B 276 -17.52 -2.34 -4.78
C PRO B 276 -17.21 -1.83 -6.18
N GLU B 277 -16.11 -2.33 -6.77
CA GLU B 277 -15.64 -1.95 -8.10
C GLU B 277 -16.67 -2.14 -9.21
N GLY B 278 -17.60 -3.07 -9.03
CA GLY B 278 -18.67 -3.32 -10.00
C GLY B 278 -19.71 -2.21 -10.06
N GLU B 279 -19.77 -1.35 -9.03
CA GLU B 279 -20.72 -0.24 -8.96
C GLU B 279 -20.19 1.06 -9.58
N PHE B 280 -19.03 1.03 -10.24
CA PHE B 280 -18.48 2.20 -10.90
C PHE B 280 -18.84 2.12 -12.38
N SER B 281 -20.12 2.31 -12.69
CA SER B 281 -20.64 2.22 -14.05
C SER B 281 -20.75 3.59 -14.75
N CYS B 282 -20.82 3.60 -16.08
CA CYS B 282 -20.92 4.83 -16.85
C CYS B 282 -21.59 4.59 -18.21
N LEU C 20 -32.91 6.60 14.30
CA LEU C 20 -32.03 6.24 13.20
C LEU C 20 -30.75 7.07 13.27
N CYS C 21 -29.61 6.41 13.07
CA CYS C 21 -28.28 7.01 13.11
C CYS C 21 -27.61 6.83 11.74
N PRO C 22 -27.03 7.89 11.15
CA PRO C 22 -26.37 7.71 9.84
C PRO C 22 -25.14 6.81 9.96
N LEU C 23 -24.86 6.00 8.92
CA LEU C 23 -23.74 5.05 8.91
C LEU C 23 -22.40 5.60 9.48
N PRO C 24 -21.86 6.78 9.06
CA PRO C 24 -20.61 7.25 9.67
C PRO C 24 -20.77 7.90 11.05
N CYS C 25 -21.99 8.28 11.42
CA CYS C 25 -22.24 8.97 12.67
C CYS C 25 -22.49 8.04 13.86
N VAL C 26 -22.18 8.53 15.06
CA VAL C 26 -22.38 7.79 16.30
C VAL C 26 -23.43 8.52 17.12
N CYS C 27 -24.44 7.80 17.62
CA CYS C 27 -25.50 8.44 18.40
C CYS C 27 -25.48 8.05 19.88
N GLN C 28 -25.35 9.04 20.77
CA GLN C 28 -25.31 8.82 22.20
C GLN C 28 -26.60 9.28 22.88
N ASN C 29 -27.45 8.35 23.31
CA ASN C 29 -28.71 8.70 23.95
C ASN C 29 -28.58 8.96 25.45
N LEU C 30 -28.49 10.23 25.82
CA LEU C 30 -28.47 10.63 27.21
C LEU C 30 -29.92 10.48 27.79
N SER C 31 -30.22 11.07 28.97
CA SER C 31 -31.58 10.96 29.54
C SER C 31 -32.52 11.82 28.68
N GLU C 32 -33.23 11.16 27.75
CA GLU C 32 -34.15 11.76 26.78
C GLU C 32 -33.47 12.92 26.02
N SER C 33 -32.28 12.66 25.47
CA SER C 33 -31.51 13.65 24.73
C SER C 33 -30.64 12.94 23.70
N LEU C 34 -30.82 13.24 22.41
CA LEU C 34 -30.05 12.58 21.35
C LEU C 34 -28.90 13.41 20.77
N SER C 35 -27.69 12.86 20.82
CA SER C 35 -26.51 13.54 20.31
C SER C 35 -25.90 12.77 19.13
N THR C 36 -25.98 13.34 17.93
CA THR C 36 -25.41 12.69 16.75
C THR C 36 -24.02 13.29 16.47
N LEU C 37 -22.96 12.51 16.66
CA LEU C 37 -21.60 13.00 16.43
C LEU C 37 -21.00 12.52 15.11
N CYS C 38 -20.82 13.46 14.17
CA CYS C 38 -20.26 13.20 12.84
C CYS C 38 -18.96 13.99 12.61
N ALA C 39 -18.22 14.34 13.68
CA ALA C 39 -16.98 15.11 13.51
C ALA C 39 -15.84 14.24 12.97
N HIS C 40 -14.97 14.80 12.11
CA HIS C 40 -13.82 14.09 11.48
C HIS C 40 -14.20 12.89 10.58
N ARG C 41 -15.43 12.86 10.02
CA ARG C 41 -15.85 11.70 9.24
C ARG C 41 -15.73 11.84 7.71
N GLY C 42 -15.12 12.92 7.25
CA GLY C 42 -14.91 13.15 5.82
C GLY C 42 -16.19 13.34 5.03
N LEU C 43 -17.22 13.93 5.65
CA LEU C 43 -18.51 14.15 5.01
C LEU C 43 -18.44 15.19 3.91
N LEU C 44 -19.07 14.92 2.78
CA LEU C 44 -19.12 15.90 1.69
C LEU C 44 -20.37 16.81 1.78
N PHE C 45 -21.40 16.37 2.53
CA PHE C 45 -22.65 17.09 2.75
C PHE C 45 -23.38 16.55 3.99
N VAL C 46 -24.27 17.37 4.59
CA VAL C 46 -25.02 16.97 5.79
C VAL C 46 -25.87 15.74 5.49
N PRO C 47 -25.68 14.65 6.26
CA PRO C 47 -26.43 13.42 5.99
C PRO C 47 -27.93 13.59 6.21
N PRO C 48 -28.76 13.09 5.28
CA PRO C 48 -30.21 13.26 5.41
C PRO C 48 -30.91 12.24 6.33
N ASN C 49 -30.18 11.21 6.80
CA ASN C 49 -30.75 10.20 7.67
C ASN C 49 -30.55 10.49 9.17
N VAL C 50 -30.36 11.77 9.52
CA VAL C 50 -30.20 12.18 10.90
C VAL C 50 -31.59 12.26 11.55
N ASP C 51 -31.73 11.74 12.78
CA ASP C 51 -33.00 11.74 13.49
C ASP C 51 -33.44 13.19 13.75
N ARG C 52 -34.73 13.49 13.53
CA ARG C 52 -35.24 14.84 13.78
C ARG C 52 -35.38 15.17 15.28
N ARG C 53 -35.32 14.14 16.14
CA ARG C 53 -35.39 14.30 17.60
C ARG C 53 -34.01 14.67 18.22
N THR C 54 -32.94 14.78 17.40
CA THR C 54 -31.62 15.11 17.91
C THR C 54 -31.57 16.50 18.54
N VAL C 55 -30.78 16.63 19.59
CA VAL C 55 -30.60 17.85 20.36
C VAL C 55 -29.21 18.44 20.07
N GLU C 56 -28.19 17.59 19.97
CA GLU C 56 -26.83 18.04 19.69
C GLU C 56 -26.35 17.45 18.38
N LEU C 57 -26.19 18.29 17.36
CA LEU C 57 -25.71 17.83 16.07
C LEU C 57 -24.30 18.36 15.84
N ARG C 58 -23.30 17.47 15.91
CA ARG C 58 -21.90 17.86 15.72
C ARG C 58 -21.42 17.46 14.34
N LEU C 59 -21.16 18.43 13.48
CA LEU C 59 -20.69 18.18 12.12
C LEU C 59 -19.38 18.92 11.83
N ALA C 60 -18.55 19.16 12.85
CA ALA C 60 -17.29 19.88 12.68
C ALA C 60 -16.19 19.02 12.04
N ASP C 61 -15.14 19.66 11.46
CA ASP C 61 -14.00 19.00 10.84
C ASP C 61 -14.32 18.11 9.64
N ASN C 62 -15.40 18.42 8.90
CA ASN C 62 -15.76 17.67 7.70
C ASN C 62 -15.42 18.48 6.43
N PHE C 63 -16.07 18.19 5.29
CA PHE C 63 -15.83 18.88 4.03
C PHE C 63 -17.16 19.25 3.35
N ILE C 64 -18.19 19.56 4.15
CA ILE C 64 -19.50 19.95 3.60
C ILE C 64 -19.36 21.38 3.09
N GLN C 65 -19.72 21.59 1.82
CA GLN C 65 -19.55 22.89 1.16
C GLN C 65 -20.83 23.72 1.12
N ALA C 66 -22.00 23.07 1.18
CA ALA C 66 -23.25 23.81 1.05
C ALA C 66 -24.32 23.46 2.06
N LEU C 67 -25.00 24.49 2.59
CA LEU C 67 -26.10 24.29 3.52
C LEU C 67 -27.39 24.75 2.86
N GLY C 68 -28.44 23.97 3.01
CA GLY C 68 -29.74 24.29 2.45
C GLY C 68 -30.88 23.96 3.39
N PRO C 69 -32.11 24.43 3.08
CA PRO C 69 -33.26 24.14 3.96
C PRO C 69 -33.56 22.67 4.27
N PRO C 70 -33.42 21.66 3.36
CA PRO C 70 -33.73 20.28 3.74
C PRO C 70 -32.69 19.60 4.65
N ASP C 71 -31.54 20.24 4.87
CA ASP C 71 -30.48 19.67 5.72
C ASP C 71 -30.88 19.66 7.20
N PHE C 72 -31.54 20.73 7.67
CA PHE C 72 -31.97 20.82 9.06
C PHE C 72 -33.50 21.05 9.16
N ARG C 73 -34.27 20.47 8.24
CA ARG C 73 -35.72 20.65 8.26
C ARG C 73 -36.37 19.72 9.29
N ASN C 74 -37.45 20.19 9.95
CA ASN C 74 -38.24 19.47 10.96
C ASN C 74 -37.47 19.14 12.26
N MET C 75 -36.32 19.79 12.48
CA MET C 75 -35.56 19.58 13.70
C MET C 75 -35.98 20.62 14.71
N THR C 76 -37.05 20.34 15.45
CA THR C 76 -37.58 21.26 16.43
C THR C 76 -36.66 21.41 17.67
N GLY C 77 -36.34 20.29 18.31
CA GLY C 77 -35.53 20.31 19.53
C GLY C 77 -34.03 20.39 19.39
N LEU C 78 -33.50 20.83 18.23
CA LEU C 78 -32.06 20.95 18.06
C LEU C 78 -31.56 22.18 18.80
N VAL C 79 -30.75 21.99 19.84
CA VAL C 79 -30.22 23.06 20.68
C VAL C 79 -28.77 23.45 20.31
N ASP C 80 -27.89 22.47 20.13
CA ASP C 80 -26.48 22.76 19.81
C ASP C 80 -26.07 22.25 18.44
N LEU C 81 -25.83 23.15 17.49
CA LEU C 81 -25.39 22.79 16.15
C LEU C 81 -24.02 23.36 15.86
N THR C 82 -23.00 22.50 15.75
CA THR C 82 -21.64 22.94 15.44
C THR C 82 -21.21 22.48 14.06
N LEU C 83 -20.85 23.44 13.21
CA LEU C 83 -20.40 23.15 11.85
C LEU C 83 -19.03 23.78 11.58
N SER C 84 -18.18 23.86 12.60
CA SER C 84 -16.85 24.46 12.55
C SER C 84 -15.84 23.74 11.62
N ARG C 85 -14.87 24.50 11.10
CA ARG C 85 -13.78 24.05 10.24
C ARG C 85 -14.20 23.19 9.03
N ASN C 86 -15.32 23.54 8.41
CA ASN C 86 -15.84 22.87 7.20
C ASN C 86 -15.41 23.69 5.94
N ALA C 87 -15.99 23.41 4.77
CA ALA C 87 -15.68 24.18 3.56
C ALA C 87 -16.92 24.87 3.01
N ILE C 88 -17.84 25.32 3.89
CA ILE C 88 -19.07 25.98 3.52
C ILE C 88 -18.84 27.32 2.90
N THR C 89 -19.15 27.44 1.61
CA THR C 89 -19.04 28.68 0.86
C THR C 89 -20.41 29.37 0.73
N ARG C 90 -21.50 28.58 0.71
CA ARG C 90 -22.85 29.11 0.55
C ARG C 90 -23.85 28.56 1.57
N ILE C 91 -24.69 29.45 2.11
CA ILE C 91 -25.78 29.10 3.01
C ILE C 91 -27.08 29.57 2.36
N GLY C 92 -27.96 28.62 2.06
CA GLY C 92 -29.22 28.91 1.40
C GLY C 92 -30.22 29.71 2.22
N ALA C 93 -31.29 30.17 1.57
CA ALA C 93 -32.31 30.95 2.24
C ALA C 93 -33.14 30.06 3.15
N ARG C 94 -33.12 30.36 4.45
CA ARG C 94 -33.84 29.63 5.48
C ARG C 94 -33.33 28.19 5.66
N SER C 95 -32.01 28.05 5.82
CA SER C 95 -31.38 26.76 6.07
C SER C 95 -31.70 26.30 7.50
N PHE C 96 -31.73 27.24 8.46
CA PHE C 96 -32.03 26.95 9.88
C PHE C 96 -33.47 27.36 10.25
N GLY C 97 -34.38 27.36 9.27
CA GLY C 97 -35.77 27.77 9.43
C GLY C 97 -36.58 27.06 10.50
N ASP C 98 -36.38 25.75 10.66
CA ASP C 98 -37.15 24.98 11.65
C ASP C 98 -36.41 24.77 12.98
N LEU C 99 -35.18 25.29 13.12
CA LEU C 99 -34.43 25.14 14.37
C LEU C 99 -34.89 26.22 15.37
N GLU C 100 -36.08 26.04 15.97
CA GLU C 100 -36.61 27.02 16.91
C GLU C 100 -35.92 26.98 18.26
N SER C 101 -35.51 25.79 18.70
CA SER C 101 -34.84 25.62 19.99
C SER C 101 -33.33 25.87 19.94
N LEU C 102 -32.77 26.20 18.75
CA LEU C 102 -31.33 26.40 18.62
C LEU C 102 -30.80 27.51 19.50
N ARG C 103 -29.99 27.16 20.48
CA ARG C 103 -29.40 28.12 21.40
C ARG C 103 -27.94 28.46 21.07
N SER C 104 -27.26 27.61 20.28
CA SER C 104 -25.87 27.85 19.89
C SER C 104 -25.64 27.39 18.45
N LEU C 105 -25.00 28.24 17.65
CA LEU C 105 -24.74 27.93 16.25
C LEU C 105 -23.28 28.25 15.95
N HIS C 106 -22.48 27.22 15.62
CA HIS C 106 -21.07 27.43 15.31
C HIS C 106 -20.85 27.30 13.82
N LEU C 107 -20.35 28.35 13.19
CA LEU C 107 -20.06 28.35 11.75
C LEU C 107 -18.65 28.89 11.49
N ASP C 108 -17.71 28.65 12.40
CA ASP C 108 -16.35 29.14 12.29
C ASP C 108 -15.48 28.32 11.32
N GLY C 109 -14.40 28.92 10.85
CA GLY C 109 -13.45 28.29 9.93
C GLY C 109 -14.06 27.84 8.62
N ASN C 110 -14.77 28.75 7.94
CA ASN C 110 -15.42 28.40 6.67
C ASN C 110 -15.08 29.40 5.52
N ARG C 111 -15.77 29.29 4.37
CA ARG C 111 -15.50 30.18 3.24
C ARG C 111 -16.63 31.15 2.96
N LEU C 112 -17.47 31.47 3.96
CA LEU C 112 -18.56 32.43 3.73
C LEU C 112 -17.98 33.81 3.44
N VAL C 113 -18.58 34.54 2.52
CA VAL C 113 -18.15 35.89 2.18
C VAL C 113 -19.28 36.90 2.44
N GLU C 114 -20.52 36.54 2.13
CA GLU C 114 -21.66 37.42 2.36
C GLU C 114 -22.80 36.72 3.10
N LEU C 115 -23.29 37.34 4.20
CA LEU C 115 -24.42 36.78 4.93
C LEU C 115 -25.65 37.62 4.60
N GLY C 116 -26.67 36.97 4.08
CA GLY C 116 -27.91 37.65 3.69
C GLY C 116 -28.92 37.73 4.82
N SER C 117 -30.09 38.33 4.52
CA SER C 117 -31.16 38.51 5.50
C SER C 117 -31.88 37.20 5.79
N SER C 118 -32.05 36.35 4.75
CA SER C 118 -32.73 35.07 4.86
C SER C 118 -31.83 33.94 5.38
N SER C 119 -30.51 34.10 5.30
CA SER C 119 -29.55 33.06 5.71
C SER C 119 -29.67 32.65 7.18
N LEU C 120 -29.73 33.62 8.10
CA LEU C 120 -29.82 33.33 9.53
C LEU C 120 -31.25 33.34 10.07
N ARG C 121 -32.26 33.24 9.20
CA ARG C 121 -33.65 33.23 9.66
C ARG C 121 -33.99 31.84 10.19
N GLY C 122 -34.63 31.77 11.36
CA GLY C 122 -34.97 30.49 11.96
C GLY C 122 -34.74 30.35 13.46
N PRO C 123 -33.47 30.41 13.94
CA PRO C 123 -33.23 30.24 15.40
C PRO C 123 -33.70 31.42 16.23
N VAL C 124 -34.97 31.39 16.66
CA VAL C 124 -35.61 32.47 17.42
C VAL C 124 -34.95 32.71 18.78
N ASN C 125 -34.62 31.64 19.53
CA ASN C 125 -34.01 31.78 20.84
C ASN C 125 -32.51 31.57 20.81
N LEU C 126 -31.84 31.97 19.71
CA LEU C 126 -30.38 31.80 19.60
C LEU C 126 -29.62 32.70 20.58
N GLN C 127 -28.69 32.11 21.34
CA GLN C 127 -27.93 32.86 22.34
C GLN C 127 -26.44 32.97 22.01
N HIS C 128 -25.91 32.10 21.14
CA HIS C 128 -24.50 32.15 20.77
C HIS C 128 -24.35 32.03 19.28
N LEU C 129 -23.59 32.93 18.66
CA LEU C 129 -23.40 32.91 17.21
C LEU C 129 -21.94 33.11 16.86
N ILE C 130 -21.25 32.02 16.49
CA ILE C 130 -19.83 32.05 16.14
C ILE C 130 -19.68 32.06 14.63
N LEU C 131 -19.21 33.18 14.08
CA LEU C 131 -19.00 33.31 12.65
C LEU C 131 -17.55 33.75 12.35
N SER C 132 -16.60 33.35 13.18
CA SER C 132 -15.21 33.75 13.03
C SER C 132 -14.40 32.89 12.04
N GLY C 133 -13.28 33.40 11.57
CA GLY C 133 -12.40 32.67 10.66
C GLY C 133 -12.86 32.48 9.23
N ASN C 134 -13.89 33.22 8.79
CA ASN C 134 -14.36 33.10 7.39
C ASN C 134 -13.79 34.31 6.59
N GLN C 135 -14.41 34.69 5.46
CA GLN C 135 -13.98 35.83 4.68
C GLN C 135 -15.15 36.81 4.53
N LEU C 136 -15.93 37.01 5.61
CA LEU C 136 -17.09 37.87 5.59
C LEU C 136 -16.75 39.32 5.35
N GLY C 137 -17.22 39.86 4.24
CA GLY C 137 -17.02 41.25 3.86
C GLY C 137 -18.28 42.08 4.05
N ARG C 138 -19.45 41.45 3.91
CA ARG C 138 -20.73 42.14 4.06
C ARG C 138 -21.77 41.27 4.77
N ILE C 139 -22.47 41.86 5.74
CA ILE C 139 -23.51 41.19 6.51
C ILE C 139 -24.75 42.06 6.45
N ALA C 140 -25.91 41.49 6.07
CA ALA C 140 -27.17 42.21 5.94
C ALA C 140 -27.62 42.85 7.26
N PRO C 141 -28.28 44.04 7.19
CA PRO C 141 -28.72 44.70 8.42
C PRO C 141 -29.79 43.96 9.20
N GLY C 142 -30.61 43.18 8.51
CA GLY C 142 -31.66 42.40 9.14
C GLY C 142 -31.37 40.91 9.24
N ALA C 143 -30.08 40.54 9.27
CA ALA C 143 -29.69 39.13 9.36
C ALA C 143 -29.96 38.56 10.76
N PHE C 144 -29.69 39.36 11.79
CA PHE C 144 -29.91 38.93 13.17
C PHE C 144 -31.28 39.33 13.72
N ASP C 145 -32.21 39.85 12.87
CA ASP C 145 -33.54 40.28 13.29
C ASP C 145 -34.42 39.18 13.88
N ASP C 146 -34.04 37.91 13.70
CA ASP C 146 -34.79 36.78 14.23
C ASP C 146 -34.32 36.33 15.64
N PHE C 147 -33.18 36.85 16.12
CA PHE C 147 -32.65 36.45 17.42
C PHE C 147 -31.94 37.58 18.19
N LEU C 148 -32.31 38.84 17.92
CA LEU C 148 -31.69 40.00 18.56
C LEU C 148 -32.08 40.18 20.02
N ASP C 149 -33.31 39.80 20.39
CA ASP C 149 -33.79 39.95 21.76
C ASP C 149 -33.18 38.94 22.75
N SER C 150 -32.47 37.91 22.27
CA SER C 150 -31.88 36.91 23.15
C SER C 150 -30.42 36.53 22.84
N LEU C 151 -29.82 37.10 21.76
CA LEU C 151 -28.42 36.83 21.44
C LEU C 151 -27.51 37.36 22.56
N GLU C 152 -26.76 36.46 23.17
CA GLU C 152 -25.89 36.80 24.29
C GLU C 152 -24.43 36.91 23.87
N ASP C 153 -24.00 36.16 22.83
CA ASP C 153 -22.61 36.22 22.38
C ASP C 153 -22.52 36.26 20.86
N LEU C 154 -21.87 37.30 20.33
CA LEU C 154 -21.69 37.41 18.89
C LEU C 154 -20.20 37.43 18.62
N ASP C 155 -19.75 36.59 17.70
CA ASP C 155 -18.34 36.51 17.36
C ASP C 155 -18.17 36.66 15.85
N VAL C 156 -17.58 37.78 15.39
CA VAL C 156 -17.29 37.96 13.97
C VAL C 156 -15.78 38.21 13.75
N SER C 157 -14.93 37.52 14.53
CA SER C 157 -13.47 37.66 14.48
C SER C 157 -12.87 37.10 13.18
N TYR C 158 -11.63 37.48 12.87
CA TYR C 158 -10.88 36.95 11.73
C TYR C 158 -11.66 36.90 10.42
N ASN C 159 -12.29 38.02 10.08
CA ASN C 159 -13.04 38.19 8.85
C ASN C 159 -12.55 39.47 8.10
N ASN C 160 -13.09 39.77 6.90
CA ASN C 160 -12.68 40.97 6.15
C ASN C 160 -13.68 42.13 6.32
N LEU C 161 -14.38 42.17 7.45
CA LEU C 161 -15.41 43.17 7.71
C LEU C 161 -14.92 44.61 7.84
N ARG C 162 -15.40 45.49 6.95
CA ARG C 162 -15.10 46.92 7.02
C ARG C 162 -16.22 47.60 7.84
N GLN C 163 -17.48 47.22 7.58
CA GLN C 163 -18.63 47.72 8.31
C GLN C 163 -19.50 46.56 8.77
N VAL C 164 -19.83 46.54 10.06
CA VAL C 164 -20.68 45.50 10.65
C VAL C 164 -22.14 46.00 10.78
N PRO C 165 -23.18 45.14 10.83
CA PRO C 165 -24.56 45.66 10.94
C PRO C 165 -24.82 46.22 12.34
N TRP C 166 -24.50 47.53 12.55
CA TRP C 166 -24.59 48.26 13.81
C TRP C 166 -26.02 48.42 14.30
N ALA C 167 -26.98 48.57 13.38
CA ALA C 167 -28.39 48.70 13.74
C ALA C 167 -28.92 47.42 14.41
N GLY C 168 -28.40 46.27 13.98
CA GLY C 168 -28.75 44.98 14.54
C GLY C 168 -28.00 44.74 15.83
N ILE C 169 -26.68 44.96 15.82
CA ILE C 169 -25.83 44.77 17.01
C ILE C 169 -26.21 45.71 18.16
N GLY C 170 -26.81 46.85 17.86
CA GLY C 170 -27.26 47.79 18.88
C GLY C 170 -28.67 47.52 19.40
N SER C 171 -29.39 46.59 18.77
CA SER C 171 -30.74 46.23 19.19
C SER C 171 -30.79 44.89 19.94
N MET C 172 -29.67 44.48 20.57
CA MET C 172 -29.59 43.24 21.33
C MET C 172 -29.37 43.59 22.78
N PRO C 173 -30.45 43.69 23.58
CA PRO C 173 -30.29 44.06 24.99
C PRO C 173 -29.60 43.02 25.88
N ALA C 174 -29.45 41.79 25.41
CA ALA C 174 -28.80 40.75 26.20
C ALA C 174 -27.36 40.47 25.81
N LEU C 175 -26.82 41.15 24.78
CA LEU C 175 -25.45 40.90 24.31
C LEU C 175 -24.40 41.24 25.36
N HIS C 176 -23.61 40.26 25.74
CA HIS C 176 -22.54 40.48 26.71
C HIS C 176 -21.18 40.52 26.01
N THR C 177 -20.99 39.72 24.97
CA THR C 177 -19.71 39.65 24.29
C THR C 177 -19.83 39.91 22.79
N LEU C 178 -19.01 40.82 22.28
CA LEU C 178 -18.98 41.13 20.87
C LEU C 178 -17.54 41.11 20.40
N ASN C 179 -17.18 40.07 19.64
CA ASN C 179 -15.81 39.95 19.14
C ASN C 179 -15.68 40.47 17.71
N LEU C 180 -15.22 41.73 17.57
CA LEU C 180 -14.99 42.34 16.27
C LEU C 180 -13.48 42.40 15.93
N ASP C 181 -12.64 41.59 16.59
CA ASP C 181 -11.19 41.62 16.38
C ASP C 181 -10.75 40.94 15.08
N HIS C 182 -9.58 41.35 14.57
CA HIS C 182 -8.98 40.82 13.37
C HIS C 182 -9.88 41.01 12.15
N ASN C 183 -10.30 42.25 11.93
CA ASN C 183 -11.14 42.63 10.80
C ASN C 183 -10.52 43.88 10.11
N LEU C 184 -11.32 44.65 9.34
CA LEU C 184 -10.85 45.86 8.68
C LEU C 184 -11.76 47.06 9.03
N ILE C 185 -12.32 47.07 10.26
CA ILE C 185 -13.24 48.12 10.71
C ILE C 185 -12.50 49.42 10.97
N ASP C 186 -12.84 50.47 10.22
CA ASP C 186 -12.19 51.77 10.35
C ASP C 186 -12.95 52.78 11.21
N ALA C 187 -14.25 52.57 11.42
CA ALA C 187 -15.06 53.50 12.18
C ALA C 187 -15.99 52.85 13.19
N LEU C 188 -16.21 53.55 14.31
CA LEU C 188 -17.13 53.08 15.33
C LEU C 188 -18.12 54.21 15.62
N PRO C 189 -19.40 54.01 15.27
CA PRO C 189 -20.42 55.06 15.47
C PRO C 189 -20.62 55.51 16.92
N PRO C 190 -21.14 56.74 17.11
CA PRO C 190 -21.33 57.24 18.49
C PRO C 190 -22.59 56.77 19.22
N GLY C 191 -23.57 56.23 18.50
CA GLY C 191 -24.81 55.80 19.13
C GLY C 191 -25.14 54.33 18.93
N VAL C 192 -24.20 53.44 19.29
CA VAL C 192 -24.42 52.01 19.12
C VAL C 192 -24.47 51.26 20.46
N PHE C 193 -23.42 51.36 21.28
CA PHE C 193 -23.38 50.67 22.57
C PHE C 193 -24.23 51.34 23.67
N ALA C 194 -25.23 52.14 23.27
CA ALA C 194 -26.12 52.83 24.20
C ALA C 194 -27.15 51.86 24.78
N GLN C 195 -27.72 50.98 23.93
CA GLN C 195 -28.73 50.02 24.37
C GLN C 195 -28.15 48.73 24.97
N LEU C 196 -26.83 48.55 24.94
CA LEU C 196 -26.21 47.33 25.43
C LEU C 196 -25.71 47.45 26.87
N SER C 197 -26.61 47.22 27.81
CA SER C 197 -26.35 47.31 29.23
C SER C 197 -25.54 46.13 29.77
N GLN C 198 -25.74 44.94 29.19
CA GLN C 198 -25.04 43.75 29.66
C GLN C 198 -23.67 43.53 29.00
N LEU C 199 -23.22 44.46 28.12
CA LEU C 199 -21.94 44.32 27.44
C LEU C 199 -20.77 44.28 28.42
N SER C 200 -20.12 43.11 28.54
CA SER C 200 -18.98 42.90 29.43
C SER C 200 -17.66 42.79 28.67
N ARG C 201 -17.69 42.34 27.41
CA ARG C 201 -16.45 42.21 26.62
C ARG C 201 -16.63 42.66 25.19
N LEU C 202 -15.73 43.53 24.72
CA LEU C 202 -15.71 44.06 23.37
C LEU C 202 -14.29 44.00 22.81
N ASP C 203 -14.01 43.06 21.92
CA ASP C 203 -12.68 42.92 21.34
C ASP C 203 -12.58 43.69 20.02
N LEU C 204 -11.64 44.64 19.95
CA LEU C 204 -11.40 45.46 18.75
C LEU C 204 -9.93 45.39 18.30
N THR C 205 -9.21 44.33 18.66
CA THR C 205 -7.80 44.10 18.32
C THR C 205 -7.63 43.95 16.80
N SER C 206 -6.51 44.42 16.23
CA SER C 206 -6.21 44.27 14.80
C SER C 206 -7.32 44.74 13.87
N ASN C 207 -7.60 46.03 13.90
CA ASN C 207 -8.61 46.68 13.05
C ASN C 207 -8.02 47.94 12.39
N ARG C 208 -8.81 48.67 11.59
CA ARG C 208 -8.33 49.90 10.96
C ARG C 208 -8.79 51.15 11.73
N LEU C 209 -8.96 51.04 13.06
CA LEU C 209 -9.44 52.13 13.88
C LEU C 209 -8.38 53.16 14.26
N ALA C 210 -8.57 54.41 13.84
CA ALA C 210 -7.65 55.50 14.16
C ALA C 210 -8.13 56.34 15.35
N THR C 211 -9.46 56.43 15.56
CA THR C 211 -10.02 57.21 16.64
C THR C 211 -11.13 56.45 17.38
N LEU C 212 -11.26 56.71 18.69
CA LEU C 212 -12.28 56.10 19.54
C LEU C 212 -13.05 57.16 20.32
N ALA C 213 -14.33 56.88 20.61
CA ALA C 213 -15.17 57.84 21.34
C ALA C 213 -15.36 57.37 22.78
N PRO C 214 -15.33 58.31 23.76
CA PRO C 214 -15.48 57.92 25.17
C PRO C 214 -16.73 57.12 25.48
N ASP C 215 -16.56 55.86 25.86
CA ASP C 215 -17.68 54.96 26.15
C ASP C 215 -18.26 55.09 27.57
N PRO C 216 -19.61 55.09 27.73
CA PRO C 216 -20.20 55.29 29.06
C PRO C 216 -19.91 54.19 30.08
N LEU C 217 -20.22 54.47 31.38
CA LEU C 217 -19.98 53.58 32.54
C LEU C 217 -18.49 53.38 32.87
N PHE C 218 -17.57 53.84 31.98
CA PHE C 218 -16.11 53.80 32.10
C PHE C 218 -15.56 52.37 32.22
N PRO C 230 -17.57 46.13 35.34
CA PRO C 230 -16.84 46.89 34.32
C PRO C 230 -16.79 46.20 32.95
N LEU C 231 -16.25 46.88 31.93
CA LEU C 231 -16.16 46.34 30.59
C LEU C 231 -14.72 46.15 30.13
N VAL C 232 -14.42 44.99 29.55
CA VAL C 232 -13.09 44.72 29.04
C VAL C 232 -13.02 45.04 27.53
N LEU C 233 -12.30 46.10 27.17
CA LEU C 233 -12.15 46.51 25.78
C LEU C 233 -10.69 46.37 25.36
N SER C 234 -10.42 45.67 24.26
CA SER C 234 -9.05 45.52 23.76
C SER C 234 -8.95 46.27 22.44
N PHE C 235 -7.90 47.08 22.26
CA PHE C 235 -7.75 47.88 21.03
C PHE C 235 -6.31 47.91 20.50
N SER C 236 -5.52 46.88 20.82
CA SER C 236 -4.15 46.75 20.35
C SER C 236 -4.09 46.40 18.87
N GLY C 237 -3.07 46.87 18.19
CA GLY C 237 -2.93 46.61 16.77
C GLY C 237 -3.79 47.45 15.87
N ASN C 238 -4.00 48.72 16.27
CA ASN C 238 -4.79 49.69 15.52
C ASN C 238 -3.91 50.92 15.19
N PRO C 239 -4.13 51.61 14.04
CA PRO C 239 -3.28 52.75 13.69
C PRO C 239 -3.28 53.84 14.77
N LEU C 240 -4.46 54.29 15.18
CA LEU C 240 -4.59 55.29 16.24
C LEU C 240 -3.80 56.56 15.96
N HIS C 241 -4.52 57.69 15.92
CA HIS C 241 -3.87 58.98 15.79
C HIS C 241 -3.71 59.47 17.22
N CYS C 242 -2.49 59.35 17.76
CA CYS C 242 -2.23 59.78 19.12
C CYS C 242 -2.16 61.29 19.26
N ASN C 243 -3.33 61.93 19.43
CA ASN C 243 -3.45 63.37 19.60
C ASN C 243 -4.46 63.69 20.76
N CYS C 244 -5.02 64.91 20.82
CA CYS C 244 -5.96 65.29 21.85
C CYS C 244 -7.23 64.43 21.85
N GLU C 245 -7.64 63.91 20.67
CA GLU C 245 -8.84 63.08 20.53
C GLU C 245 -8.76 61.75 21.30
N LEU C 246 -7.56 61.23 21.54
CA LEU C 246 -7.40 59.98 22.30
C LEU C 246 -6.76 60.20 23.68
N LEU C 247 -6.77 61.44 24.20
CA LEU C 247 -6.18 61.76 25.50
C LEU C 247 -7.00 61.21 26.67
N TRP C 248 -8.32 61.04 26.49
CA TRP C 248 -9.21 60.51 27.51
C TRP C 248 -8.87 59.04 27.80
N LEU C 249 -8.53 58.27 26.74
CA LEU C 249 -8.19 56.87 26.83
C LEU C 249 -6.83 56.69 27.51
N ARG C 250 -5.88 57.58 27.20
CA ARG C 250 -4.54 57.59 27.80
C ARG C 250 -4.60 57.89 29.33
N ARG C 251 -5.65 58.56 29.80
CA ARG C 251 -5.82 58.86 31.21
C ARG C 251 -6.41 57.72 32.04
N LEU C 252 -6.84 56.62 31.41
CA LEU C 252 -7.45 55.50 32.12
C LEU C 252 -6.44 54.56 32.77
N ALA C 253 -6.83 53.93 33.88
CA ALA C 253 -5.99 52.97 34.58
C ALA C 253 -6.19 51.61 33.90
N ARG C 254 -5.49 51.39 32.80
CA ARG C 254 -5.61 50.15 32.02
C ARG C 254 -4.26 49.46 31.80
N PRO C 255 -4.23 48.12 31.62
CA PRO C 255 -2.94 47.45 31.36
C PRO C 255 -2.43 47.71 29.95
N ASP C 256 -1.11 47.62 29.76
CA ASP C 256 -0.53 47.83 28.44
C ASP C 256 -0.72 46.59 27.59
N ASP C 257 -1.66 46.64 26.64
CA ASP C 257 -1.89 45.50 25.73
C ASP C 257 -1.01 45.60 24.47
N LEU C 258 0.11 46.36 24.54
CA LEU C 258 1.08 46.62 23.50
C LEU C 258 0.51 47.45 22.35
N GLU C 259 -0.31 48.46 22.70
CA GLU C 259 -0.90 49.39 21.74
C GLU C 259 0.19 50.34 21.22
N THR C 260 0.20 50.62 19.91
CA THR C 260 1.25 51.45 19.31
C THR C 260 0.67 52.65 18.54
N CYS C 261 1.42 53.78 18.48
CA CYS C 261 0.99 54.97 17.73
C CYS C 261 1.50 54.85 16.32
N ALA C 262 0.65 55.08 15.32
CA ALA C 262 1.08 55.06 13.92
C ALA C 262 1.25 56.48 13.35
N SER C 263 0.53 57.45 13.94
CA SER C 263 0.54 58.87 13.58
C SER C 263 0.25 59.69 14.85
N PRO C 264 0.81 60.91 15.01
CA PRO C 264 1.68 61.66 14.08
C PRO C 264 3.08 61.06 13.92
N PRO C 265 3.83 61.46 12.88
CA PRO C 265 5.17 60.87 12.65
C PRO C 265 6.13 60.91 13.84
N THR C 266 6.03 61.93 14.70
CA THR C 266 6.88 62.03 15.88
C THR C 266 6.60 60.88 16.86
N LEU C 267 5.32 60.49 17.00
CA LEU C 267 4.95 59.40 17.92
C LEU C 267 4.94 58.01 17.29
N ALA C 268 5.11 57.91 15.96
CA ALA C 268 5.11 56.64 15.23
C ALA C 268 6.14 55.66 15.78
N GLY C 269 5.71 54.44 16.03
CA GLY C 269 6.57 53.38 16.54
C GLY C 269 6.54 53.22 18.05
N ARG C 270 6.39 54.32 18.78
CA ARG C 270 6.37 54.29 20.25
C ARG C 270 5.07 53.74 20.81
N TYR C 271 5.13 53.14 22.00
CA TYR C 271 3.96 52.58 22.66
C TYR C 271 2.98 53.65 23.11
N PHE C 272 1.68 53.35 23.02
CA PHE C 272 0.63 54.26 23.40
C PHE C 272 0.65 54.58 24.88
N TRP C 273 0.94 53.57 25.72
CA TRP C 273 1.01 53.81 27.18
C TRP C 273 2.33 54.43 27.64
N ALA C 274 3.35 54.43 26.77
CA ALA C 274 4.68 54.94 27.12
C ALA C 274 4.90 56.42 26.78
N VAL C 275 4.07 56.99 25.90
CA VAL C 275 4.22 58.39 25.53
C VAL C 275 3.51 59.29 26.54
N PRO C 276 4.19 60.35 27.03
CA PRO C 276 3.56 61.23 28.01
C PRO C 276 2.33 61.97 27.47
N GLU C 277 1.37 62.24 28.35
CA GLU C 277 0.12 62.93 28.04
C GLU C 277 0.30 64.32 27.40
N GLY C 278 1.43 64.96 27.68
CA GLY C 278 1.77 66.25 27.09
C GLY C 278 2.12 66.20 25.62
N GLU C 279 2.42 64.99 25.09
CA GLU C 279 2.76 64.80 23.68
C GLU C 279 1.55 64.49 22.79
N PHE C 280 0.33 64.55 23.33
CA PHE C 280 -0.89 64.32 22.54
C PHE C 280 -1.45 65.69 22.16
N SER C 281 -0.75 66.36 21.24
CA SER C 281 -1.10 67.71 20.81
C SER C 281 -1.99 67.75 19.58
N CYS C 282 -2.77 68.86 19.46
CA CYS C 282 -3.69 69.17 18.37
C CYS C 282 -3.47 70.60 17.93
N GLU C 283 -2.89 70.79 16.74
CA GLU C 283 -2.64 72.12 16.22
C GLU C 283 -3.18 72.25 14.79
N LEU D 20 31.67 -13.55 12.44
CA LEU D 20 31.16 -13.10 11.15
C LEU D 20 29.80 -13.72 10.81
N CYS D 21 28.81 -12.85 10.58
CA CYS D 21 27.44 -13.28 10.27
C CYS D 21 26.89 -12.40 9.14
N PRO D 22 26.35 -12.99 8.07
CA PRO D 22 25.82 -12.17 6.97
C PRO D 22 24.58 -11.39 7.41
N LEU D 23 24.38 -10.18 6.86
CA LEU D 23 23.26 -9.30 7.21
C LEU D 23 21.89 -10.01 7.36
N PRO D 24 21.39 -10.82 6.39
CA PRO D 24 20.09 -11.49 6.61
C PRO D 24 20.13 -12.72 7.51
N CYS D 25 21.33 -13.27 7.76
CA CYS D 25 21.47 -14.49 8.55
C CYS D 25 21.63 -14.24 10.04
N VAL D 26 21.21 -15.21 10.85
CA VAL D 26 21.31 -15.14 12.30
C VAL D 26 22.26 -16.21 12.78
N CYS D 27 23.23 -15.85 13.64
CA CYS D 27 24.21 -16.83 14.11
C CYS D 27 24.06 -17.16 15.60
N GLN D 28 23.83 -18.45 15.89
CA GLN D 28 23.66 -18.95 17.25
C GLN D 28 24.88 -19.77 17.70
N ASN D 29 25.69 -19.19 18.59
CA ASN D 29 26.89 -19.86 19.11
C ASN D 29 26.60 -20.57 20.42
N LEU D 30 26.24 -21.85 20.35
CA LEU D 30 25.91 -22.62 21.54
C LEU D 30 27.08 -23.50 21.97
N SER D 31 27.93 -22.99 22.89
CA SER D 31 29.11 -23.72 23.40
C SER D 31 30.05 -24.21 22.29
N GLU D 32 30.68 -23.25 21.58
CA GLU D 32 31.59 -23.49 20.46
C GLU D 32 30.89 -24.29 19.36
N SER D 33 29.67 -23.89 19.00
CA SER D 33 28.92 -24.56 17.94
C SER D 33 28.20 -23.55 17.05
N LEU D 34 28.85 -23.10 15.98
CA LEU D 34 28.25 -22.07 15.13
C LEU D 34 27.08 -22.57 14.29
N SER D 35 25.92 -21.91 14.44
CA SER D 35 24.72 -22.24 13.68
C SER D 35 24.28 -20.99 12.94
N THR D 36 24.55 -20.94 11.62
CA THR D 36 24.22 -19.83 10.74
C THR D 36 22.90 -20.14 10.05
N LEU D 37 21.81 -19.53 10.50
CA LEU D 37 20.49 -19.77 9.92
C LEU D 37 20.05 -18.70 8.94
N CYS D 38 19.95 -19.09 7.65
CA CYS D 38 19.50 -18.22 6.57
C CYS D 38 18.25 -18.77 5.88
N ALA D 39 17.42 -19.55 6.59
CA ALA D 39 16.22 -20.12 5.99
C ALA D 39 15.11 -19.08 5.80
N HIS D 40 14.36 -19.15 4.68
CA HIS D 40 13.27 -18.23 4.34
C HIS D 40 13.71 -16.75 4.24
N ARG D 41 14.95 -16.46 3.83
CA ARG D 41 15.42 -15.08 3.74
C ARG D 41 15.44 -14.46 2.33
N GLY D 42 14.88 -15.17 1.35
CA GLY D 42 14.81 -14.67 -0.02
C GLY D 42 16.17 -14.51 -0.68
N LEU D 43 17.14 -15.35 -0.32
CA LEU D 43 18.48 -15.28 -0.88
C LEU D 43 18.52 -15.71 -2.33
N LEU D 44 19.24 -14.97 -3.16
CA LEU D 44 19.40 -15.34 -4.57
C LEU D 44 20.65 -16.22 -4.82
N PHE D 45 21.59 -16.22 -3.86
CA PHE D 45 22.83 -17.00 -3.91
C PHE D 45 23.44 -17.12 -2.50
N VAL D 46 24.30 -18.14 -2.28
CA VAL D 46 24.94 -18.38 -0.98
C VAL D 46 25.80 -17.18 -0.61
N PRO D 47 25.54 -16.56 0.55
CA PRO D 47 26.30 -15.36 0.92
C PRO D 47 27.78 -15.65 1.14
N PRO D 48 28.66 -14.80 0.61
CA PRO D 48 30.11 -15.06 0.78
C PRO D 48 30.71 -14.59 2.10
N ASN D 49 29.93 -13.90 2.93
CA ASN D 49 30.40 -13.42 4.23
C ASN D 49 30.08 -14.39 5.39
N VAL D 50 29.88 -15.66 5.08
CA VAL D 50 29.61 -16.68 6.09
C VAL D 50 30.93 -17.08 6.74
N ASP D 51 30.94 -17.22 8.08
CA ASP D 51 32.14 -17.60 8.83
C ASP D 51 32.56 -19.00 8.42
N ARG D 52 33.86 -19.20 8.19
CA ARG D 52 34.37 -20.52 7.80
C ARG D 52 34.38 -21.52 8.96
N ARG D 53 34.24 -21.04 10.20
CA ARG D 53 34.18 -21.89 11.39
C ARG D 53 32.78 -22.46 11.64
N THR D 54 31.77 -22.14 10.81
CA THR D 54 30.40 -22.62 10.99
C THR D 54 30.31 -24.13 10.89
N VAL D 55 29.43 -24.71 11.71
CA VAL D 55 29.21 -26.15 11.78
C VAL D 55 27.86 -26.50 11.13
N GLU D 56 26.83 -25.69 11.37
CA GLU D 56 25.52 -25.91 10.80
C GLU D 56 25.13 -24.75 9.91
N LEU D 57 25.07 -25.00 8.60
CA LEU D 57 24.68 -23.96 7.65
C LEU D 57 23.30 -24.30 7.09
N ARG D 58 22.28 -23.53 7.50
CA ARG D 58 20.92 -23.76 7.02
C ARG D 58 20.56 -22.72 5.97
N LEU D 59 20.39 -23.15 4.71
CA LEU D 59 20.03 -22.28 3.60
C LEU D 59 18.76 -22.75 2.89
N ALA D 60 17.85 -23.42 3.59
CA ALA D 60 16.61 -23.93 3.01
C ALA D 60 15.56 -22.82 2.76
N ASP D 61 14.56 -23.09 1.89
CA ASP D 61 13.47 -22.14 1.55
C ASP D 61 13.91 -20.83 0.91
N ASN D 62 15.09 -20.86 0.30
CA ASN D 62 15.76 -19.76 -0.39
C ASN D 62 15.62 -19.92 -1.93
N PHE D 63 16.05 -18.91 -2.71
CA PHE D 63 15.94 -18.95 -4.15
C PHE D 63 17.32 -19.00 -4.81
N ILE D 64 18.28 -19.69 -4.16
CA ILE D 64 19.62 -19.81 -4.73
C ILE D 64 19.54 -20.82 -5.88
N GLN D 65 19.99 -20.42 -7.06
CA GLN D 65 19.89 -21.26 -8.25
C GLN D 65 21.18 -21.97 -8.61
N ALA D 66 22.33 -21.44 -8.16
CA ALA D 66 23.61 -22.02 -8.57
C ALA D 66 24.61 -22.21 -7.44
N LEU D 67 25.26 -23.37 -7.41
CA LEU D 67 26.29 -23.66 -6.42
C LEU D 67 27.64 -23.79 -7.11
N GLY D 68 28.67 -23.20 -6.53
CA GLY D 68 30.03 -23.26 -7.06
C GLY D 68 31.07 -23.47 -5.98
N PRO D 69 32.32 -23.77 -6.38
CA PRO D 69 33.39 -23.99 -5.37
C PRO D 69 33.65 -22.84 -4.38
N PRO D 70 33.60 -21.53 -4.71
CA PRO D 70 33.88 -20.50 -3.69
C PRO D 70 32.75 -20.27 -2.67
N ASP D 71 31.57 -20.90 -2.87
CA ASP D 71 30.44 -20.75 -1.95
C ASP D 71 30.70 -21.46 -0.62
N PHE D 72 31.36 -22.61 -0.68
CA PHE D 72 31.66 -23.41 0.50
C PHE D 72 33.15 -23.74 0.57
N ARG D 73 34.02 -22.79 0.20
CA ARG D 73 35.47 -23.00 0.25
C ARG D 73 35.98 -22.70 1.66
N ASN D 74 37.00 -23.46 2.11
CA ASN D 74 37.68 -23.34 3.41
C ASN D 74 36.77 -23.64 4.62
N MET D 75 35.62 -24.29 4.40
CA MET D 75 34.74 -24.65 5.51
C MET D 75 35.09 -26.08 5.94
N THR D 76 36.10 -26.20 6.80
CA THR D 76 36.56 -27.50 7.27
C THR D 76 35.53 -28.17 8.20
N GLY D 77 35.14 -27.49 9.28
CA GLY D 77 34.23 -28.04 10.27
C GLY D 77 32.74 -28.01 10.00
N LEU D 78 32.32 -27.83 8.72
CA LEU D 78 30.89 -27.82 8.39
C LEU D 78 30.35 -29.24 8.42
N VAL D 79 29.45 -29.55 9.35
CA VAL D 79 28.87 -30.88 9.53
C VAL D 79 27.48 -31.01 8.90
N ASP D 80 26.59 -30.04 9.15
CA ASP D 80 25.21 -30.12 8.62
C ASP D 80 24.90 -29.00 7.62
N LEU D 81 24.76 -29.33 6.34
CA LEU D 81 24.43 -28.35 5.32
C LEU D 81 23.08 -28.69 4.67
N THR D 82 22.08 -27.85 4.89
CA THR D 82 20.76 -28.05 4.32
C THR D 82 20.44 -26.98 3.28
N LEU D 83 20.15 -27.41 2.04
CA LEU D 83 19.80 -26.52 0.93
C LEU D 83 18.45 -26.89 0.32
N SER D 84 17.53 -27.41 1.13
CA SER D 84 16.20 -27.88 0.73
C SER D 84 15.26 -26.78 0.17
N ARG D 85 14.34 -27.18 -0.72
CA ARG D 85 13.30 -26.34 -1.34
C ARG D 85 13.81 -25.05 -1.97
N ASN D 86 14.97 -25.11 -2.63
CA ASN D 86 15.57 -23.96 -3.31
C ASN D 86 15.28 -24.05 -4.82
N ALA D 87 16.08 -23.39 -5.68
CA ALA D 87 15.90 -23.47 -7.13
C ALA D 87 17.21 -23.86 -7.84
N ILE D 88 18.04 -24.72 -7.20
CA ILE D 88 19.31 -25.18 -7.76
C ILE D 88 19.16 -25.99 -9.03
N THR D 89 19.55 -25.41 -10.16
CA THR D 89 19.52 -26.13 -11.43
C THR D 89 20.93 -26.68 -11.75
N ARG D 90 21.99 -25.99 -11.30
CA ARG D 90 23.37 -26.38 -11.57
C ARG D 90 24.27 -26.42 -10.34
N ILE D 91 25.08 -27.48 -10.25
CA ILE D 91 26.08 -27.63 -9.19
C ILE D 91 27.44 -27.76 -9.89
N GLY D 92 28.33 -26.82 -9.62
CA GLY D 92 29.65 -26.79 -10.23
C GLY D 92 30.59 -27.91 -9.80
N ALA D 93 31.71 -28.05 -10.51
CA ALA D 93 32.69 -29.08 -10.20
C ALA D 93 33.41 -28.76 -8.91
N ARG D 94 33.29 -29.65 -7.91
CA ARG D 94 33.90 -29.53 -6.59
C ARG D 94 33.34 -28.34 -5.80
N SER D 95 32.02 -28.25 -5.71
CA SER D 95 31.35 -27.21 -4.93
C SER D 95 31.52 -27.49 -3.43
N PHE D 96 31.48 -28.78 -3.03
CA PHE D 96 31.65 -29.20 -1.64
C PHE D 96 33.07 -29.74 -1.36
N GLY D 97 34.05 -29.31 -2.15
CA GLY D 97 35.43 -29.77 -2.10
C GLY D 97 36.15 -29.68 -0.78
N ASP D 98 35.91 -28.61 -0.02
CA ASP D 98 36.58 -28.45 1.27
C ASP D 98 35.74 -28.87 2.47
N LEU D 99 34.48 -29.31 2.25
CA LEU D 99 33.65 -29.77 3.36
C LEU D 99 34.07 -31.19 3.72
N GLU D 100 35.17 -31.37 4.46
CA GLU D 100 35.64 -32.69 4.86
C GLU D 100 34.81 -33.29 5.97
N SER D 101 34.37 -32.45 6.91
CA SER D 101 33.57 -32.91 8.06
C SER D 101 32.07 -33.06 7.77
N LEU D 102 31.61 -32.76 6.54
CA LEU D 102 30.20 -32.83 6.21
C LEU D 102 29.61 -34.22 6.40
N ARG D 103 28.72 -34.38 7.39
CA ARG D 103 28.07 -35.65 7.67
C ARG D 103 26.65 -35.74 7.09
N SER D 104 26.03 -34.61 6.74
CA SER D 104 24.68 -34.60 6.18
C SER D 104 24.56 -33.50 5.12
N LEU D 105 24.00 -33.83 3.97
CA LEU D 105 23.85 -32.87 2.87
C LEU D 105 22.43 -32.98 2.32
N HIS D 106 21.64 -31.92 2.47
CA HIS D 106 20.27 -31.92 1.98
C HIS D 106 20.16 -31.08 0.73
N LEU D 107 19.72 -31.69 -0.36
CA LEU D 107 19.55 -30.99 -1.63
C LEU D 107 18.17 -31.29 -2.23
N ASP D 108 17.15 -31.51 -1.38
CA ASP D 108 15.81 -31.84 -1.83
C ASP D 108 15.01 -30.63 -2.34
N GLY D 109 13.97 -30.90 -3.13
CA GLY D 109 13.09 -29.88 -3.68
C GLY D 109 13.80 -28.87 -4.56
N ASN D 110 14.54 -29.36 -5.55
CA ASN D 110 15.32 -28.49 -6.44
C ASN D 110 15.11 -28.79 -7.95
N ARG D 111 15.93 -28.22 -8.84
CA ARG D 111 15.77 -28.42 -10.28
C ARG D 111 16.94 -29.18 -10.91
N LEU D 112 17.63 -30.03 -10.13
CA LEU D 112 18.77 -30.79 -10.66
C LEU D 112 18.32 -31.88 -11.61
N VAL D 113 18.92 -31.93 -12.80
CA VAL D 113 18.57 -32.92 -13.83
C VAL D 113 19.69 -33.95 -14.01
N GLU D 114 20.95 -33.51 -14.00
CA GLU D 114 22.08 -34.42 -14.15
C GLU D 114 23.14 -34.19 -13.08
N LEU D 115 23.55 -35.26 -12.39
CA LEU D 115 24.61 -35.14 -11.39
C LEU D 115 25.88 -35.71 -11.98
N GLY D 116 26.93 -34.89 -12.02
CA GLY D 116 28.22 -35.30 -12.57
C GLY D 116 29.11 -35.97 -11.56
N SER D 117 30.28 -36.43 -12.02
CA SER D 117 31.26 -37.13 -11.18
C SER D 117 31.94 -36.20 -10.17
N SER D 118 32.25 -34.98 -10.61
CA SER D 118 32.91 -33.96 -9.79
C SER D 118 31.94 -33.18 -8.88
N SER D 119 30.63 -33.24 -9.15
CA SER D 119 29.63 -32.49 -8.39
C SER D 119 29.54 -32.89 -6.91
N LEU D 120 29.44 -34.20 -6.60
CA LEU D 120 29.36 -34.64 -5.21
C LEU D 120 30.72 -34.99 -4.61
N ARG D 121 31.80 -34.36 -5.10
CA ARG D 121 33.14 -34.60 -4.54
C ARG D 121 33.38 -33.69 -3.35
N GLY D 122 34.21 -34.14 -2.42
CA GLY D 122 34.51 -33.34 -1.24
C GLY D 122 34.16 -33.94 0.10
N PRO D 123 32.86 -34.15 0.44
CA PRO D 123 32.52 -34.70 1.76
C PRO D 123 32.89 -36.17 1.95
N VAL D 124 34.11 -36.42 2.41
CA VAL D 124 34.67 -37.76 2.63
C VAL D 124 33.92 -38.57 3.68
N ASN D 125 33.51 -37.94 4.79
CA ASN D 125 32.79 -38.65 5.84
C ASN D 125 31.28 -38.42 5.77
N LEU D 126 30.73 -38.24 4.56
CA LEU D 126 29.28 -38.02 4.41
C LEU D 126 28.47 -39.26 4.77
N GLN D 127 27.46 -39.09 5.63
CA GLN D 127 26.62 -40.21 6.07
C GLN D 127 25.18 -40.11 5.60
N HIS D 128 24.70 -38.92 5.22
CA HIS D 128 23.32 -38.77 4.74
C HIS D 128 23.30 -37.92 3.49
N LEU D 129 22.62 -38.40 2.45
CA LEU D 129 22.55 -37.69 1.18
C LEU D 129 21.11 -37.66 0.65
N ILE D 130 20.45 -36.50 0.77
CA ILE D 130 19.07 -36.33 0.34
C ILE D 130 19.03 -35.62 -0.99
N LEU D 131 18.63 -36.30 -2.03
CA LEU D 131 18.54 -35.72 -3.38
C LEU D 131 17.14 -35.91 -3.97
N SER D 132 16.10 -35.94 -3.13
CA SER D 132 14.74 -36.18 -3.59
C SER D 132 14.01 -34.94 -4.09
N GLY D 133 12.93 -35.12 -4.83
CA GLY D 133 12.11 -34.01 -5.32
C GLY D 133 12.70 -33.17 -6.44
N ASN D 134 13.76 -33.66 -7.08
CA ASN D 134 14.38 -32.96 -8.21
C ASN D 134 13.88 -33.61 -9.55
N GLN D 135 14.58 -33.38 -10.67
CA GLN D 135 14.23 -33.99 -11.95
C GLN D 135 15.43 -34.79 -12.47
N LEU D 136 16.12 -35.51 -11.56
CA LEU D 136 17.30 -36.28 -11.91
C LEU D 136 17.00 -37.42 -12.86
N GLY D 137 17.59 -37.36 -14.05
CA GLY D 137 17.44 -38.39 -15.07
C GLY D 137 18.68 -39.24 -15.21
N ARG D 138 19.87 -38.65 -14.94
CA ARG D 138 21.13 -39.35 -15.04
C ARG D 138 22.09 -38.95 -13.92
N ILE D 139 22.74 -39.94 -13.30
CA ILE D 139 23.71 -39.73 -12.22
C ILE D 139 24.98 -40.48 -12.61
N ALA D 140 26.14 -39.81 -12.55
CA ALA D 140 27.43 -40.40 -12.88
C ALA D 140 27.79 -41.59 -11.98
N PRO D 141 28.50 -42.60 -12.53
CA PRO D 141 28.85 -43.77 -11.71
C PRO D 141 29.83 -43.49 -10.58
N GLY D 142 30.67 -42.49 -10.75
CA GLY D 142 31.64 -42.13 -9.73
C GLY D 142 31.33 -40.86 -8.95
N ALA D 143 30.04 -40.50 -8.86
CA ALA D 143 29.63 -39.30 -8.13
C ALA D 143 29.76 -39.52 -6.62
N PHE D 144 29.41 -40.70 -6.15
CA PHE D 144 29.48 -41.03 -4.73
C PHE D 144 30.82 -41.67 -4.32
N ASP D 145 31.82 -41.72 -5.19
CA ASP D 145 33.11 -42.38 -4.92
C ASP D 145 33.91 -41.80 -3.76
N ASP D 146 33.51 -40.64 -3.23
CA ASP D 146 34.23 -40.02 -2.12
C ASP D 146 33.72 -40.50 -0.76
N PHE D 147 32.49 -40.98 -0.68
CA PHE D 147 31.89 -41.39 0.59
C PHE D 147 31.29 -42.79 0.54
N LEU D 148 32.11 -43.80 0.23
CA LEU D 148 31.62 -45.18 0.14
C LEU D 148 31.87 -45.97 1.42
N LEU D 151 28.61 -43.79 3.11
CA LEU D 151 27.26 -43.27 3.25
C LEU D 151 26.37 -44.26 4.02
N GLU D 152 25.48 -43.74 4.88
CA GLU D 152 24.54 -44.56 5.64
C GLU D 152 23.11 -44.40 5.11
N ASP D 153 22.77 -43.21 4.58
CA ASP D 153 21.43 -42.97 4.03
C ASP D 153 21.51 -42.33 2.64
N LEU D 154 20.80 -42.91 1.66
CA LEU D 154 20.79 -42.42 0.29
C LEU D 154 19.35 -42.30 -0.20
N ASP D 155 18.91 -41.05 -0.47
CA ASP D 155 17.54 -40.78 -0.88
C ASP D 155 17.50 -40.17 -2.29
N VAL D 156 16.97 -40.90 -3.27
CA VAL D 156 16.81 -40.38 -4.62
C VAL D 156 15.34 -40.45 -5.06
N SER D 157 14.40 -40.20 -4.13
CA SER D 157 12.96 -40.24 -4.37
C SER D 157 12.48 -39.13 -5.29
N TYR D 158 11.27 -39.27 -5.85
CA TYR D 158 10.62 -38.23 -6.64
C TYR D 158 11.51 -37.57 -7.70
N ASN D 159 12.16 -38.37 -8.52
CA ASN D 159 12.99 -37.88 -9.63
C ASN D 159 12.51 -38.59 -10.94
N ASN D 160 13.26 -38.48 -12.05
CA ASN D 160 12.92 -39.16 -13.31
C ASN D 160 13.94 -40.28 -13.62
N LEU D 161 14.54 -40.88 -12.60
CA LEU D 161 15.56 -41.91 -12.76
C LEU D 161 15.09 -43.22 -13.36
N ARG D 162 15.67 -43.60 -14.51
CA ARG D 162 15.39 -44.87 -15.17
C ARG D 162 16.42 -45.89 -14.66
N GLN D 163 17.70 -45.47 -14.58
CA GLN D 163 18.77 -46.33 -14.06
C GLN D 163 19.59 -45.51 -13.06
N VAL D 164 19.75 -46.05 -11.84
CA VAL D 164 20.53 -45.43 -10.76
C VAL D 164 21.99 -45.99 -10.82
N PRO D 165 23.02 -45.32 -10.24
CA PRO D 165 24.38 -45.88 -10.33
C PRO D 165 24.56 -47.10 -9.42
N TRP D 166 24.13 -48.28 -9.89
CA TRP D 166 24.18 -49.52 -9.13
C TRP D 166 25.58 -49.89 -8.71
N ALA D 167 26.59 -49.62 -9.55
CA ALA D 167 27.98 -49.92 -9.20
C ALA D 167 28.44 -49.08 -7.99
N GLY D 168 27.92 -47.88 -7.85
CA GLY D 168 28.21 -47.02 -6.72
C GLY D 168 27.39 -47.42 -5.51
N ILE D 169 26.07 -47.58 -5.71
CA ILE D 169 25.14 -47.97 -4.64
C ILE D 169 25.45 -49.35 -4.06
N GLY D 170 26.10 -50.21 -4.83
CA GLY D 170 26.51 -51.54 -4.39
C GLY D 170 27.87 -51.57 -3.71
N SER D 171 28.61 -50.44 -3.73
CA SER D 171 29.92 -50.33 -3.10
C SER D 171 29.87 -49.54 -1.78
N MET D 172 28.70 -49.48 -1.13
CA MET D 172 28.53 -48.77 0.14
C MET D 172 28.20 -49.78 1.21
N PRO D 173 29.22 -50.28 1.94
CA PRO D 173 28.96 -51.30 2.95
C PRO D 173 28.19 -50.84 4.19
N ALA D 174 28.05 -49.52 4.39
CA ALA D 174 27.32 -49.02 5.55
C ALA D 174 25.91 -48.55 5.26
N LEU D 175 25.47 -48.60 3.99
CA LEU D 175 24.14 -48.12 3.61
C LEU D 175 23.01 -48.87 4.28
N HIS D 176 22.19 -48.16 5.06
CA HIS D 176 21.07 -48.77 5.78
C HIS D 176 19.68 -48.32 5.24
N THR D 177 19.64 -47.29 4.39
CA THR D 177 18.39 -46.85 3.77
C THR D 177 18.62 -46.39 2.34
N LEU D 178 17.84 -46.91 1.41
CA LEU D 178 17.93 -46.51 0.00
C LEU D 178 16.53 -46.23 -0.52
N ASN D 179 16.22 -44.94 -0.71
CA ASN D 179 14.91 -44.57 -1.21
C ASN D 179 14.92 -44.33 -2.73
N LEU D 180 14.45 -45.31 -3.49
CA LEU D 180 14.36 -45.20 -4.94
C LEU D 180 12.91 -44.97 -5.41
N ASP D 181 11.95 -44.81 -4.49
CA ASP D 181 10.55 -44.63 -4.81
C ASP D 181 10.26 -43.38 -5.67
N HIS D 182 9.13 -43.41 -6.40
CA HIS D 182 8.63 -42.34 -7.25
C HIS D 182 9.63 -41.96 -8.31
N ASN D 183 10.08 -42.95 -9.08
CA ASN D 183 11.02 -42.78 -10.18
C ASN D 183 10.50 -43.54 -11.42
N LEU D 184 11.36 -43.87 -12.39
CA LEU D 184 10.97 -44.61 -13.59
C LEU D 184 11.86 -45.86 -13.77
N ILE D 185 12.31 -46.48 -12.66
CA ILE D 185 13.18 -47.64 -12.70
C ILE D 185 12.44 -48.88 -13.17
N ASP D 186 12.86 -49.44 -14.32
CA ASP D 186 12.20 -50.61 -14.90
C ASP D 186 12.88 -51.93 -14.60
N ALA D 187 14.15 -51.91 -14.19
CA ALA D 187 14.88 -53.13 -13.91
C ALA D 187 15.70 -53.10 -12.64
N LEU D 188 15.82 -54.26 -11.99
CA LEU D 188 16.64 -54.42 -10.81
C LEU D 188 17.63 -55.57 -11.05
N PRO D 189 18.94 -55.25 -11.15
CA PRO D 189 19.95 -56.29 -11.42
C PRO D 189 20.05 -57.39 -10.36
N PRO D 190 20.61 -58.57 -10.73
CA PRO D 190 20.67 -59.67 -9.76
C PRO D 190 21.65 -59.48 -8.59
N GLY D 191 22.87 -59.05 -8.88
CA GLY D 191 23.88 -58.89 -7.83
C GLY D 191 24.24 -57.48 -7.42
N VAL D 192 23.27 -56.68 -6.93
CA VAL D 192 23.58 -55.33 -6.47
C VAL D 192 23.63 -55.28 -4.93
N PHE D 193 22.55 -55.75 -4.28
CA PHE D 193 22.48 -55.77 -2.81
C PHE D 193 23.36 -56.85 -2.16
N ALA D 194 24.25 -57.51 -2.93
CA ALA D 194 25.15 -58.54 -2.43
C ALA D 194 26.10 -57.96 -1.38
N GLN D 195 26.72 -56.80 -1.64
CA GLN D 195 27.62 -56.18 -0.69
C GLN D 195 26.91 -55.31 0.37
N LEU D 196 25.57 -55.18 0.28
CA LEU D 196 24.77 -54.39 1.21
C LEU D 196 24.28 -55.26 2.36
N SER D 197 25.07 -55.32 3.43
CA SER D 197 24.75 -56.12 4.61
C SER D 197 23.87 -55.36 5.61
N GLN D 198 24.09 -54.06 5.74
CA GLN D 198 23.33 -53.26 6.70
C GLN D 198 22.03 -52.68 6.16
N LEU D 199 21.67 -52.99 4.90
CA LEU D 199 20.44 -52.50 4.25
C LEU D 199 19.21 -52.96 5.02
N SER D 200 18.53 -52.02 5.71
CA SER D 200 17.34 -52.32 6.50
C SER D 200 16.05 -51.86 5.83
N ARG D 201 16.13 -50.80 5.01
CA ARG D 201 14.97 -50.24 4.31
C ARG D 201 15.29 -50.04 2.84
N LEU D 202 14.34 -50.34 1.97
CA LEU D 202 14.50 -50.19 0.53
C LEU D 202 13.13 -49.84 -0.05
N ASP D 203 12.91 -48.57 -0.39
CA ASP D 203 11.64 -48.14 -0.94
C ASP D 203 11.66 -48.18 -2.47
N LEU D 204 10.75 -48.94 -3.06
CA LEU D 204 10.64 -49.07 -4.53
C LEU D 204 9.21 -48.74 -5.02
N THR D 205 8.44 -47.96 -4.25
CA THR D 205 7.07 -47.55 -4.55
C THR D 205 7.04 -46.69 -5.82
N SER D 206 5.98 -46.81 -6.64
CA SER D 206 5.79 -46.00 -7.86
C SER D 206 7.00 -45.98 -8.82
N ASN D 207 7.29 -47.11 -9.44
CA ASN D 207 8.37 -47.22 -10.42
C ASN D 207 7.82 -47.92 -11.69
N ARG D 208 8.70 -48.39 -12.59
CA ARG D 208 8.27 -49.12 -13.78
C ARG D 208 8.68 -50.62 -13.70
N LEU D 209 8.73 -51.18 -12.47
CA LEU D 209 9.13 -52.57 -12.26
C LEU D 209 8.05 -53.60 -12.53
N ALA D 210 8.29 -54.49 -13.49
CA ALA D 210 7.35 -55.56 -13.82
C ALA D 210 7.73 -56.90 -13.20
N THR D 211 9.03 -57.13 -12.95
CA THR D 211 9.47 -58.38 -12.34
C THR D 211 10.51 -58.13 -11.24
N LEU D 212 10.53 -58.98 -10.21
CA LEU D 212 11.45 -58.86 -9.08
C LEU D 212 12.20 -60.16 -8.83
N ALA D 213 13.45 -60.06 -8.35
CA ALA D 213 14.25 -61.26 -8.07
C ALA D 213 14.38 -61.46 -6.55
N PRO D 214 14.41 -62.72 -6.06
CA PRO D 214 14.54 -62.94 -4.63
C PRO D 214 15.99 -62.98 -4.18
N ASP D 215 16.64 -61.81 -4.07
CA ASP D 215 18.03 -61.74 -3.62
C ASP D 215 18.16 -61.02 -2.26
N PRO D 216 17.91 -61.71 -1.13
CA PRO D 216 18.03 -61.04 0.18
C PRO D 216 19.47 -61.11 0.72
N LEU D 217 19.90 -60.05 1.42
CA LEU D 217 21.26 -59.95 2.01
C LEU D 217 22.38 -59.97 0.98
N VAL D 232 12.84 -54.21 5.21
CA VAL D 232 11.54 -53.67 4.81
C VAL D 232 11.58 -53.17 3.36
N LEU D 233 10.88 -53.86 2.46
CA LEU D 233 10.82 -53.49 1.06
C LEU D 233 9.39 -53.11 0.69
N SER D 234 9.19 -51.92 0.09
CA SER D 234 7.87 -51.50 -0.37
C SER D 234 7.88 -51.48 -1.91
N PHE D 235 6.87 -52.08 -2.55
CA PHE D 235 6.84 -52.16 -4.02
C PHE D 235 5.46 -51.87 -4.61
N SER D 236 4.63 -51.11 -3.89
CA SER D 236 3.30 -50.75 -4.35
C SER D 236 3.37 -49.72 -5.48
N GLY D 237 2.42 -49.79 -6.41
CA GLY D 237 2.40 -48.88 -7.54
C GLY D 237 3.36 -49.21 -8.66
N ASN D 238 3.58 -50.51 -8.87
CA ASN D 238 4.46 -51.00 -9.91
C ASN D 238 3.66 -51.86 -10.87
N PRO D 239 4.02 -51.88 -12.17
CA PRO D 239 3.25 -52.71 -13.13
C PRO D 239 3.64 -54.20 -13.08
N LEU D 240 3.33 -54.85 -11.97
CA LEU D 240 3.64 -56.24 -11.68
C LEU D 240 3.10 -57.23 -12.69
N HIS D 241 3.95 -58.15 -13.13
CA HIS D 241 3.56 -59.21 -14.02
C HIS D 241 3.31 -60.43 -13.14
N CYS D 242 2.04 -60.62 -12.77
CA CYS D 242 1.64 -61.66 -11.83
C CYS D 242 1.56 -63.06 -12.45
N ASN D 243 2.70 -63.74 -12.51
CA ASN D 243 2.81 -65.10 -13.03
C ASN D 243 3.72 -65.93 -12.09
N CYS D 244 4.27 -67.07 -12.56
CA CYS D 244 5.13 -67.92 -11.76
C CYS D 244 6.41 -67.21 -11.28
N GLU D 245 6.90 -66.22 -12.05
CA GLU D 245 8.11 -65.46 -11.71
C GLU D 245 7.98 -64.63 -10.42
N LEU D 246 6.76 -64.24 -10.04
CA LEU D 246 6.54 -63.48 -8.81
C LEU D 246 5.79 -64.28 -7.74
N LEU D 247 5.75 -65.61 -7.86
CA LEU D 247 5.07 -66.48 -6.91
C LEU D 247 5.80 -66.58 -5.56
N TRP D 248 7.13 -66.39 -5.56
CA TRP D 248 7.94 -66.42 -4.34
C TRP D 248 7.56 -65.28 -3.43
N LEU D 249 7.30 -64.09 -4.00
CA LEU D 249 6.94 -62.88 -3.27
C LEU D 249 5.54 -63.00 -2.69
N ARG D 250 4.62 -63.60 -3.46
CA ARG D 250 3.23 -63.84 -3.03
C ARG D 250 3.17 -64.81 -1.83
N ARG D 251 4.19 -65.68 -1.66
CA ARG D 251 4.25 -66.63 -0.56
C ARG D 251 4.76 -66.05 0.76
N LEU D 252 5.26 -64.81 0.76
CA LEU D 252 5.81 -64.20 1.96
C LEU D 252 4.76 -63.65 2.91
N ALA D 253 5.09 -63.65 4.22
CA ALA D 253 4.21 -63.10 5.24
C ALA D 253 4.45 -61.59 5.29
N ARG D 254 3.79 -60.85 4.39
CA ARG D 254 3.95 -59.41 4.28
C ARG D 254 2.58 -58.71 4.31
N PRO D 255 2.50 -57.45 4.79
CA PRO D 255 1.21 -56.76 4.79
C PRO D 255 0.82 -56.29 3.38
N ASP D 256 -0.49 -56.08 3.15
CA ASP D 256 -0.96 -55.61 1.85
C ASP D 256 -0.72 -54.12 1.75
N ASP D 257 0.31 -53.71 0.99
CA ASP D 257 0.59 -52.28 0.78
C ASP D 257 -0.16 -51.73 -0.45
N LEU D 258 -1.26 -52.41 -0.85
CA LEU D 258 -2.13 -52.10 -1.99
C LEU D 258 -1.43 -52.31 -3.34
N GLU D 259 -0.64 -53.41 -3.46
CA GLU D 259 0.03 -53.76 -4.71
C GLU D 259 -1.00 -54.28 -5.71
N THR D 260 -0.85 -53.91 -6.98
CA THR D 260 -1.84 -54.29 -8.00
C THR D 260 -1.18 -55.00 -9.20
N CYS D 261 -1.90 -55.92 -9.85
CA CYS D 261 -1.41 -56.63 -11.03
C CYS D 261 -1.79 -55.82 -12.27
N ALA D 262 -0.82 -55.60 -13.17
CA ALA D 262 -1.10 -54.90 -14.43
C ALA D 262 -1.22 -55.88 -15.61
N SER D 263 -0.56 -57.03 -15.51
CA SER D 263 -0.54 -58.10 -16.49
C SER D 263 -0.39 -59.45 -15.75
N PRO D 264 -0.94 -60.58 -16.25
CA PRO D 264 -1.72 -60.76 -17.49
C PRO D 264 -3.09 -60.08 -17.46
N PRO D 265 -3.73 -59.89 -18.64
CA PRO D 265 -5.04 -59.20 -18.67
C PRO D 265 -6.11 -59.76 -17.73
N THR D 266 -6.10 -61.08 -17.46
CA THR D 266 -7.08 -61.66 -16.56
C THR D 266 -6.89 -61.14 -15.13
N LEU D 267 -5.64 -60.93 -14.70
CA LEU D 267 -5.35 -60.44 -13.36
C LEU D 267 -5.27 -58.90 -13.23
N ALA D 268 -5.33 -58.18 -14.36
CA ALA D 268 -5.25 -56.72 -14.39
C ALA D 268 -6.34 -56.07 -13.52
N GLY D 269 -5.93 -55.14 -12.68
CA GLY D 269 -6.85 -54.43 -11.80
C GLY D 269 -6.97 -55.01 -10.41
N ARG D 270 -6.88 -56.35 -10.29
CA ARG D 270 -7.00 -57.03 -9.00
C ARG D 270 -5.76 -56.87 -8.13
N TYR D 271 -5.93 -56.92 -6.81
CA TYR D 271 -4.84 -56.79 -5.86
C TYR D 271 -3.91 -57.97 -5.90
N PHE D 272 -2.61 -57.72 -5.71
CA PHE D 272 -1.58 -58.73 -5.73
C PHE D 272 -1.73 -59.70 -4.57
N TRP D 273 -2.08 -59.19 -3.38
CA TRP D 273 -2.29 -60.04 -2.21
C TRP D 273 -3.67 -60.67 -2.13
N ALA D 274 -4.58 -60.36 -3.08
CA ALA D 274 -5.92 -60.92 -3.09
C ALA D 274 -6.11 -62.05 -4.10
N VAL D 275 -5.21 -62.19 -5.09
CA VAL D 275 -5.31 -63.25 -6.08
C VAL D 275 -4.69 -64.54 -5.54
N PRO D 276 -5.40 -65.68 -5.64
CA PRO D 276 -4.85 -66.94 -5.11
C PRO D 276 -3.58 -67.39 -5.83
N GLU D 277 -2.68 -68.06 -5.10
CA GLU D 277 -1.40 -68.54 -5.61
C GLU D 277 -1.51 -69.47 -6.83
N GLY D 278 -2.64 -70.16 -6.97
CA GLY D 278 -2.89 -71.03 -8.11
C GLY D 278 -3.13 -70.29 -9.41
N GLU D 279 -3.43 -68.97 -9.33
CA GLU D 279 -3.68 -68.13 -10.51
C GLU D 279 -2.41 -67.48 -11.08
N PHE D 280 -1.23 -67.81 -10.55
CA PHE D 280 0.03 -67.28 -11.04
C PHE D 280 0.64 -68.31 -12.01
N SER D 281 0.00 -68.48 -13.18
CA SER D 281 0.42 -69.45 -14.19
C SER D 281 1.36 -68.86 -15.27
N CYS D 282 2.11 -69.72 -15.98
CA CYS D 282 3.06 -69.28 -17.01
C CYS D 282 3.45 -70.40 -17.99
N GLU D 283 4.23 -70.04 -19.03
CA GLU D 283 4.84 -70.93 -20.01
C GLU D 283 6.37 -70.71 -19.95
N PRO D 284 7.21 -71.72 -20.23
CA PRO D 284 8.67 -71.52 -20.14
C PRO D 284 9.21 -70.28 -20.87
N PRO D 285 10.09 -69.50 -20.23
CA PRO D 285 10.58 -68.26 -20.88
C PRO D 285 11.49 -68.47 -22.11
N LEU D 286 12.12 -69.65 -22.22
CA LEU D 286 13.00 -70.04 -23.33
C LEU D 286 14.01 -68.95 -23.73
N ILE D 287 14.95 -68.64 -22.83
CA ILE D 287 15.97 -67.63 -23.06
C ILE D 287 17.40 -68.20 -22.88
N ALA D 288 18.42 -67.45 -23.35
CA ALA D 288 19.80 -67.88 -23.22
C ALA D 288 20.56 -66.92 -22.30
#